data_2JE5
#
_entry.id   2JE5
#
_cell.length_a   98.540
_cell.length_b   99.830
_cell.length_c   152.160
_cell.angle_alpha   90.00
_cell.angle_beta   90.00
_cell.angle_gamma   90.00
#
_symmetry.space_group_name_H-M   'P 21 21 21'
#
loop_
_entity.id
_entity.type
_entity.pdbx_description
1 polymer 'PENICILLIN-BINDING PROTEIN 1B'
2 non-polymer '(2E)-2-{[(2S)-2-(ACETYLAMINO)-2-CARBOXYETHOXY]IMINO}PENTANEDIOIC ACID'
3 non-polymer 'SULFATE ION'
4 non-polymer 'CHLORIDE ION'
5 water water
#
_entity_poly.entity_id   1
_entity_poly.type   'polypeptide(L)'
_entity_poly.pdbx_seq_one_letter_code
;GSGIALGYGVALFDKVRVPQTEELVNQVKDISSISEITYSDGTVIASIESDMLRTSISSEQISENLKKAIIATEDEHFKE
HKGVVPNAVIPATLGKFVGLGSSSGGSTLTQQLIKQQVVGDAPTLARKAAEIVDALALERAMNKDEILTTYLNVAPFGRN
NKGQNIAGARQAAEGIFGVDASQLTVPQAAFLAGLPQSPITYSPYENTGELKSDEDLEIGLRRAKAVLYSMYRTGALSKD
EYSQYKDYDLKQDFLPSGTVTGISQDYLYFTTLAEAQERMYDYLAQRDNVSAKELKNEATQKFYRDLAAKEIENGGYKIT
TTIDQKIHSAMQSAVADYGYLLDDGTGRVEVGNVLMDNQTGAILGFVGGRNYQENQNNHAFDTKRSPASTTKPLLAYGIA
IDQGLMGSETILSNYPTNFANGNPIMYANSKGTGMMTLGEALNYSWNIPAYWTYRMLRENGVDVKGYMEKMGYEIPEYGI
ESLPMGGGIEVTVAQHTNGYQTLANNGVYHQKHVISKIEAADGRVVYEYQDKPVQVYSKATATIMQGLLREVLSSRVTTT
FKSNLTSLNPTLANADWIGKTGTTNQDENMWLMLSTPRLTLGGWIGHDDNHSLSQQAGYSNNSNYMAHLVNAIQQASPSI
WGNERFALDPSVVKSEVLKSTGQKPGKVSVEGKEVEVTGSTVTSYWANKSGAPATSYRFAIGGSDADYQNAWSSIVGSLP
;
_entity_poly.pdbx_strand_id   A,B
#
loop_
_chem_comp.id
_chem_comp.type
_chem_comp.name
_chem_comp.formula
CL non-polymer 'CHLORIDE ION' 'Cl -1'
L4C non-polymer '(2E)-2-{[(2S)-2-(ACETYLAMINO)-2-CARBOXYETHOXY]IMINO}PENTANEDIOIC ACID' 'C10 H14 N2 O8'
SO4 non-polymer 'SULFATE ION' 'O4 S -2'
#
# COMPACT_ATOMS: atom_id res chain seq x y z
N SER A 35 22.98 -33.72 -31.18
CA SER A 35 21.93 -32.59 -31.35
C SER A 35 21.49 -31.85 -29.99
N GLU A 36 21.75 -30.54 -29.86
CA GLU A 36 21.53 -29.89 -28.50
C GLU A 36 20.96 -28.46 -28.44
N ILE A 37 19.96 -28.33 -27.55
CA ILE A 37 19.29 -27.07 -27.31
C ILE A 37 20.21 -26.21 -26.37
N THR A 38 20.64 -25.02 -26.83
CA THR A 38 21.42 -24.06 -25.98
C THR A 38 20.72 -22.70 -25.59
N TYR A 39 20.35 -22.57 -24.32
CA TYR A 39 20.48 -21.33 -23.55
C TYR A 39 21.40 -20.25 -24.14
N SER A 40 21.02 -18.98 -24.18
CA SER A 40 21.86 -17.80 -24.69
C SER A 40 23.40 -17.92 -24.88
N ASP A 41 24.12 -18.51 -23.95
CA ASP A 41 25.58 -18.52 -24.09
C ASP A 41 26.22 -19.92 -24.42
N GLY A 42 25.65 -21.03 -23.91
CA GLY A 42 26.44 -22.19 -23.51
C GLY A 42 25.75 -23.44 -23.97
N THR A 43 25.03 -24.17 -23.06
CA THR A 43 24.52 -25.62 -23.29
C THR A 43 23.03 -26.02 -23.27
N ASP A 266 12.90 -27.51 -18.38
CA ASP A 266 11.66 -28.32 -18.08
C ASP A 266 10.25 -28.08 -18.71
N TYR A 267 9.52 -26.98 -18.43
CA TYR A 267 8.67 -26.41 -19.53
C TYR A 267 9.62 -25.88 -20.62
N LEU A 268 10.84 -25.60 -20.22
CA LEU A 268 11.70 -24.90 -21.11
C LEU A 268 12.05 -25.88 -22.23
N TYR A 269 12.44 -27.08 -21.81
CA TYR A 269 12.65 -28.16 -22.81
C TYR A 269 11.52 -28.31 -23.86
N PHE A 270 10.35 -28.76 -23.43
CA PHE A 270 9.18 -28.79 -24.35
C PHE A 270 8.88 -27.63 -25.26
N THR A 271 9.14 -26.44 -24.75
CA THR A 271 8.65 -25.18 -25.38
C THR A 271 9.54 -24.75 -26.50
N THR A 272 10.84 -24.91 -26.21
CA THR A 272 11.90 -24.80 -27.18
C THR A 272 11.79 -25.88 -28.33
N LEU A 273 11.71 -27.18 -27.92
CA LEU A 273 11.52 -28.33 -28.77
C LEU A 273 10.47 -28.00 -29.78
N ALA A 274 9.28 -27.70 -29.26
CA ALA A 274 8.19 -27.39 -30.11
C ALA A 274 8.50 -26.23 -31.09
N GLU A 275 9.14 -25.07 -30.67
N GLU A 275 9.14 -25.15 -30.65
CA GLU A 275 9.34 -23.83 -31.66
CA GLU A 275 9.18 -24.05 -31.62
C GLU A 275 10.25 -24.47 -32.67
C GLU A 275 10.23 -24.49 -32.64
N ALA A 276 11.26 -25.18 -32.16
CA ALA A 276 12.39 -25.69 -33.04
C ALA A 276 11.76 -26.66 -34.04
N GLN A 277 10.95 -27.61 -33.56
CA GLN A 277 10.23 -28.43 -34.50
C GLN A 277 9.50 -27.71 -35.64
N GLU A 278 8.62 -26.82 -35.25
CA GLU A 278 8.06 -25.81 -36.19
C GLU A 278 9.08 -25.28 -37.10
N ARG A 279 10.28 -24.95 -36.73
CA ARG A 279 11.06 -24.20 -37.71
C ARG A 279 11.59 -25.15 -38.76
N MET A 280 12.14 -26.26 -38.27
CA MET A 280 12.72 -27.40 -39.06
C MET A 280 11.74 -27.78 -40.15
N TYR A 281 10.50 -27.96 -39.76
CA TYR A 281 9.40 -28.16 -40.70
C TYR A 281 9.46 -27.07 -41.81
N ASP A 282 9.31 -25.75 -41.46
CA ASP A 282 9.48 -24.78 -42.53
C ASP A 282 10.75 -25.02 -43.34
N TYR A 283 11.92 -25.25 -42.72
CA TYR A 283 13.13 -25.41 -43.58
C TYR A 283 13.13 -26.68 -44.59
N LEU A 284 12.73 -27.88 -44.07
CA LEU A 284 12.64 -29.15 -44.77
C LEU A 284 11.68 -29.00 -45.93
N ALA A 285 10.48 -28.53 -45.58
CA ALA A 285 9.49 -28.34 -46.62
C ALA A 285 10.03 -27.59 -47.78
N GLN A 286 10.94 -26.69 -47.51
CA GLN A 286 11.24 -25.70 -48.45
C GLN A 286 12.53 -26.16 -49.14
N ARG A 287 13.46 -26.82 -48.44
CA ARG A 287 14.59 -27.40 -49.10
C ARG A 287 14.10 -28.50 -50.06
N ASP A 288 12.91 -29.07 -49.82
CA ASP A 288 12.41 -30.12 -50.76
C ASP A 288 11.58 -29.49 -51.98
N ASN A 289 11.44 -28.14 -52.09
CA ASN A 289 10.64 -27.57 -53.14
C ASN A 289 9.19 -28.05 -53.05
N VAL A 290 8.72 -28.29 -51.82
CA VAL A 290 7.34 -28.70 -51.62
C VAL A 290 6.42 -27.56 -51.82
N SER A 291 5.59 -27.66 -52.87
CA SER A 291 4.63 -26.62 -53.38
C SER A 291 3.56 -26.08 -52.46
N ALA A 292 3.16 -24.86 -52.90
CA ALA A 292 2.28 -23.90 -52.16
C ALA A 292 1.11 -24.78 -51.57
N LYS A 293 0.51 -25.50 -52.55
CA LYS A 293 -0.81 -26.18 -52.44
C LYS A 293 -0.70 -27.73 -52.25
N GLU A 294 0.33 -28.17 -51.51
CA GLU A 294 0.67 -29.58 -51.46
C GLU A 294 0.86 -29.76 -50.06
N LEU A 295 1.32 -28.66 -49.48
CA LEU A 295 1.48 -28.60 -48.06
C LEU A 295 0.14 -28.39 -47.39
N LYS A 296 -0.87 -27.95 -48.12
CA LYS A 296 -2.27 -28.02 -47.58
C LYS A 296 -2.77 -29.45 -47.31
N ASN A 297 -2.32 -30.42 -48.12
CA ASN A 297 -2.69 -31.84 -47.95
C ASN A 297 -2.27 -32.38 -46.60
N GLU A 298 -3.16 -32.97 -45.81
CA GLU A 298 -2.75 -33.32 -44.44
C GLU A 298 -1.69 -34.35 -44.29
N ALA A 299 -1.59 -35.17 -45.31
CA ALA A 299 -0.79 -36.34 -45.19
C ALA A 299 0.71 -35.92 -45.35
N THR A 300 0.95 -35.04 -46.35
CA THR A 300 2.24 -34.42 -46.51
C THR A 300 2.65 -33.71 -45.19
N GLN A 301 1.73 -32.91 -44.64
CA GLN A 301 2.03 -32.29 -43.32
C GLN A 301 2.54 -33.25 -42.25
N LYS A 302 1.81 -34.36 -42.07
CA LYS A 302 2.14 -35.31 -41.02
C LYS A 302 3.51 -35.98 -41.27
N PHE A 303 3.83 -36.17 -42.54
CA PHE A 303 5.12 -36.73 -42.93
C PHE A 303 6.17 -35.69 -42.56
N TYR A 304 6.06 -34.44 -43.09
CA TYR A 304 6.99 -33.32 -42.61
C TYR A 304 7.11 -33.01 -41.10
N ARG A 305 6.00 -33.21 -40.36
CA ARG A 305 6.12 -32.88 -38.91
C ARG A 305 6.97 -33.95 -38.42
N ASP A 306 6.78 -35.14 -38.95
CA ASP A 306 7.40 -36.26 -38.29
C ASP A 306 8.87 -36.31 -38.69
N LEU A 307 9.14 -35.87 -39.92
CA LEU A 307 10.46 -35.77 -40.46
C LEU A 307 11.23 -34.71 -39.68
N ALA A 308 10.65 -33.50 -39.47
CA ALA A 308 11.29 -32.41 -38.58
C ALA A 308 11.55 -32.99 -37.18
N ALA A 309 10.56 -33.69 -36.63
CA ALA A 309 10.87 -34.24 -35.34
C ALA A 309 12.15 -35.08 -35.41
N LYS A 310 12.25 -35.91 -36.45
CA LYS A 310 13.40 -36.82 -36.55
C LYS A 310 14.73 -36.15 -36.89
N GLU A 311 14.74 -35.16 -37.81
CA GLU A 311 15.94 -34.48 -38.13
C GLU A 311 16.54 -33.98 -36.85
N ILE A 312 15.67 -33.48 -35.92
CA ILE A 312 16.16 -32.87 -34.72
C ILE A 312 16.59 -33.93 -33.71
N GLU A 313 15.83 -34.99 -33.38
CA GLU A 313 16.47 -35.90 -32.32
C GLU A 313 17.66 -36.67 -32.80
N ASN A 314 17.95 -36.75 -34.08
CA ASN A 314 19.16 -37.53 -34.41
C ASN A 314 20.21 -36.92 -35.39
N GLY A 315 20.07 -35.64 -35.70
CA GLY A 315 20.88 -35.09 -36.71
C GLY A 315 21.83 -34.06 -36.18
N GLY A 316 22.15 -33.97 -34.90
CA GLY A 316 23.20 -32.93 -34.54
C GLY A 316 23.05 -31.38 -34.85
N TYR A 317 21.81 -30.82 -34.91
CA TYR A 317 21.66 -29.38 -35.10
C TYR A 317 22.03 -28.69 -33.75
N LYS A 318 22.43 -27.40 -33.85
CA LYS A 318 22.79 -26.48 -32.76
C LYS A 318 21.64 -25.50 -32.80
N ILE A 319 20.90 -25.48 -31.72
CA ILE A 319 19.73 -24.63 -31.60
C ILE A 319 20.08 -23.58 -30.60
N THR A 320 20.11 -22.34 -31.08
CA THR A 320 20.27 -21.21 -30.19
C THR A 320 18.97 -20.45 -29.66
N THR A 321 18.65 -20.61 -28.33
CA THR A 321 17.50 -19.88 -27.66
C THR A 321 17.94 -18.54 -27.05
N THR A 322 16.99 -17.64 -26.83
CA THR A 322 17.23 -16.36 -26.29
C THR A 322 17.34 -16.50 -24.79
N ILE A 323 16.91 -17.61 -24.21
CA ILE A 323 16.86 -17.79 -22.78
C ILE A 323 18.15 -17.64 -22.01
N ASP A 324 18.09 -16.96 -20.85
CA ASP A 324 19.33 -16.74 -20.07
C ASP A 324 19.41 -17.70 -18.92
N GLN A 325 20.43 -18.56 -18.88
CA GLN A 325 20.56 -19.62 -17.90
C GLN A 325 20.36 -19.19 -16.47
N LYS A 326 21.23 -18.27 -16.06
CA LYS A 326 21.24 -17.86 -14.66
C LYS A 326 19.85 -17.27 -14.27
N ILE A 327 19.37 -16.35 -15.11
CA ILE A 327 18.01 -15.79 -14.89
C ILE A 327 16.89 -16.83 -14.79
N HIS A 328 16.80 -17.74 -15.80
CA HIS A 328 15.71 -18.62 -15.88
C HIS A 328 15.86 -19.62 -14.71
N SER A 329 17.11 -20.01 -14.29
CA SER A 329 17.02 -20.94 -13.04
C SER A 329 16.59 -20.21 -11.75
N ALA A 330 17.12 -19.01 -11.63
CA ALA A 330 16.68 -18.18 -10.55
C ALA A 330 15.17 -18.02 -10.61
N MET A 331 14.56 -17.83 -11.82
CA MET A 331 13.06 -17.65 -11.80
C MET A 331 12.47 -18.93 -11.37
N GLN A 332 13.10 -20.12 -11.60
CA GLN A 332 12.53 -21.40 -11.00
C GLN A 332 12.66 -21.58 -9.51
N SER A 333 13.79 -21.19 -8.95
CA SER A 333 13.91 -21.25 -7.50
C SER A 333 12.99 -20.32 -6.88
N ALA A 334 12.87 -19.15 -7.49
CA ALA A 334 12.06 -18.22 -6.94
C ALA A 334 10.62 -18.76 -6.95
N VAL A 335 10.13 -19.39 -8.02
CA VAL A 335 8.80 -19.94 -7.87
C VAL A 335 8.76 -21.18 -6.93
N ALA A 336 9.78 -22.03 -6.89
CA ALA A 336 9.88 -23.08 -5.82
C ALA A 336 9.94 -22.55 -4.43
N ASP A 337 10.67 -21.48 -4.13
CA ASP A 337 10.64 -21.05 -2.73
C ASP A 337 9.50 -20.14 -2.35
N TYR A 338 8.97 -19.35 -3.27
CA TYR A 338 8.03 -18.36 -2.81
C TYR A 338 6.65 -18.56 -3.40
N GLY A 339 6.46 -19.70 -4.22
CA GLY A 339 5.15 -19.98 -4.91
C GLY A 339 4.00 -20.01 -3.89
N TYR A 340 4.30 -20.61 -2.73
CA TYR A 340 3.32 -20.72 -1.64
C TYR A 340 2.77 -19.42 -1.15
N LEU A 341 3.51 -18.30 -1.34
CA LEU A 341 2.90 -17.04 -0.94
C LEU A 341 1.75 -16.81 -1.81
N LEU A 342 1.63 -17.45 -3.02
CA LEU A 342 0.43 -17.17 -3.86
C LEU A 342 -0.82 -17.86 -3.19
N ASP A 343 -0.63 -18.92 -2.36
CA ASP A 343 -1.75 -19.75 -1.93
C ASP A 343 -2.75 -18.99 -1.05
N ASP A 344 -3.87 -18.57 -1.56
CA ASP A 344 -4.63 -17.66 -0.67
C ASP A 344 -5.84 -18.27 0.07
N GLY A 345 -5.99 -19.55 0.24
CA GLY A 345 -7.22 -19.99 0.87
C GLY A 345 -8.17 -20.56 -0.21
N THR A 346 -7.83 -20.56 -1.50
CA THR A 346 -8.80 -21.03 -2.48
C THR A 346 -8.27 -22.25 -3.33
N GLY A 347 -7.49 -23.09 -2.64
CA GLY A 347 -6.60 -24.16 -3.19
C GLY A 347 -5.32 -23.64 -3.79
N ARG A 348 -4.43 -24.53 -4.20
CA ARG A 348 -3.32 -24.21 -5.04
C ARG A 348 -3.61 -23.19 -6.17
N VAL A 349 -2.79 -22.11 -6.12
CA VAL A 349 -2.91 -21.05 -7.07
C VAL A 349 -1.94 -21.24 -8.13
N GLU A 350 -2.36 -21.26 -9.40
CA GLU A 350 -1.37 -21.49 -10.46
C GLU A 350 -0.85 -20.08 -10.93
N VAL A 351 0.19 -20.05 -11.86
CA VAL A 351 0.94 -18.85 -12.07
C VAL A 351 1.70 -19.08 -13.33
N GLY A 352 1.83 -17.99 -14.11
CA GLY A 352 2.63 -17.96 -15.30
C GLY A 352 3.36 -16.58 -15.36
N ASN A 353 4.64 -16.56 -15.83
CA ASN A 353 5.35 -15.29 -15.99
C ASN A 353 6.29 -15.36 -17.16
N VAL A 354 6.60 -14.20 -17.78
CA VAL A 354 7.49 -14.17 -18.88
C VAL A 354 8.32 -12.89 -18.70
N LEU A 355 9.65 -12.98 -18.77
CA LEU A 355 10.50 -11.86 -18.84
C LEU A 355 10.97 -11.55 -20.18
N MET A 356 10.98 -10.27 -20.55
CA MET A 356 11.26 -9.99 -21.94
C MET A 356 12.09 -8.79 -22.13
N ASP A 357 13.03 -8.87 -23.05
CA ASP A 357 13.77 -7.70 -23.40
C ASP A 357 13.08 -6.59 -24.29
N ASN A 358 12.95 -5.34 -23.81
CA ASN A 358 12.18 -4.43 -24.52
C ASN A 358 12.86 -4.07 -25.85
N GLN A 359 14.11 -4.28 -26.09
CA GLN A 359 14.65 -3.82 -27.42
C GLN A 359 14.59 -4.92 -28.49
N THR A 360 14.30 -6.15 -28.07
CA THR A 360 14.47 -7.22 -29.02
C THR A 360 13.30 -8.21 -29.07
N GLY A 361 12.43 -8.23 -28.06
CA GLY A 361 11.40 -9.26 -28.09
C GLY A 361 12.01 -10.51 -27.49
N ALA A 362 13.35 -10.63 -27.33
CA ALA A 362 13.91 -11.91 -26.72
C ALA A 362 13.27 -12.21 -25.44
N ILE A 363 12.93 -13.47 -25.22
CA ILE A 363 12.31 -13.83 -23.92
C ILE A 363 13.42 -14.41 -23.07
N LEU A 364 13.71 -13.84 -21.88
CA LEU A 364 14.88 -14.26 -21.19
C LEU A 364 14.66 -15.39 -20.22
N GLY A 365 13.44 -15.52 -19.70
CA GLY A 365 13.17 -16.58 -18.64
C GLY A 365 11.65 -16.60 -18.37
N PHE A 366 11.06 -17.66 -17.81
CA PHE A 366 9.63 -17.57 -17.60
C PHE A 366 9.36 -18.51 -16.50
N VAL A 367 8.11 -18.51 -16.08
CA VAL A 367 7.65 -19.54 -15.17
C VAL A 367 6.41 -20.25 -15.72
N GLY A 368 6.50 -21.52 -16.07
CA GLY A 368 5.38 -22.19 -16.75
C GLY A 368 4.26 -22.53 -15.78
N GLY A 369 4.55 -22.71 -14.49
CA GLY A 369 3.50 -23.01 -13.42
C GLY A 369 4.23 -23.28 -12.05
N ARG A 370 3.53 -23.62 -11.01
CA ARG A 370 4.15 -23.95 -9.70
C ARG A 370 5.19 -25.09 -9.70
N ASN A 371 5.05 -26.08 -10.58
CA ASN A 371 5.85 -27.33 -10.52
C ASN A 371 5.56 -28.18 -11.68
N TYR A 372 6.48 -28.28 -12.61
CA TYR A 372 6.20 -29.11 -13.83
C TYR A 372 5.84 -30.50 -13.46
N GLN A 373 6.56 -31.08 -12.48
CA GLN A 373 6.16 -32.45 -12.04
C GLN A 373 4.74 -32.65 -11.56
N GLU A 374 4.00 -31.67 -11.05
CA GLU A 374 2.64 -32.01 -10.52
C GLU A 374 1.61 -31.50 -11.54
N ASN A 375 2.05 -30.67 -12.49
CA ASN A 375 1.04 -30.03 -13.35
C ASN A 375 1.81 -29.51 -14.55
N GLN A 376 1.50 -30.00 -15.75
CA GLN A 376 2.33 -29.75 -16.92
C GLN A 376 1.82 -28.57 -17.77
N ASN A 377 0.63 -28.02 -17.48
CA ASN A 377 0.13 -26.95 -18.33
C ASN A 377 1.03 -25.77 -18.35
N ASN A 378 1.36 -25.32 -19.54
CA ASN A 378 2.23 -24.14 -19.62
C ASN A 378 1.40 -22.88 -19.54
N HIS A 379 1.45 -22.21 -18.36
CA HIS A 379 0.83 -20.94 -18.12
C HIS A 379 1.52 -19.71 -18.58
N ALA A 380 2.71 -19.86 -19.06
CA ALA A 380 3.41 -18.73 -19.55
C ALA A 380 3.00 -18.68 -20.95
N PHE A 381 2.94 -19.85 -21.63
CA PHE A 381 2.70 -19.80 -23.15
C PHE A 381 1.36 -20.39 -23.72
N ASP A 382 0.70 -21.29 -22.99
CA ASP A 382 -0.52 -21.97 -23.42
C ASP A 382 -1.77 -21.45 -22.61
N THR A 383 -1.84 -21.31 -21.28
CA THR A 383 -3.11 -20.90 -20.74
C THR A 383 -3.55 -19.57 -21.22
N LYS A 384 -4.77 -19.43 -21.74
CA LYS A 384 -5.08 -18.16 -22.29
C LYS A 384 -6.24 -17.57 -21.54
N ARG A 385 -6.22 -16.29 -21.09
CA ARG A 385 -7.24 -15.68 -20.17
C ARG A 385 -7.53 -14.20 -20.39
N SER A 386 -8.66 -13.72 -19.90
CA SER A 386 -8.99 -12.38 -20.14
C SER A 386 -7.95 -11.53 -19.39
N PRO A 387 -7.42 -10.56 -20.03
CA PRO A 387 -6.58 -9.68 -19.18
C PRO A 387 -7.23 -8.58 -18.29
N ALA A 388 -8.57 -8.27 -18.33
CA ALA A 388 -9.20 -7.39 -17.38
C ALA A 388 -8.56 -6.10 -17.54
N SER A 389 -8.27 -5.34 -16.45
CA SER A 389 -8.00 -3.93 -16.64
C SER A 389 -6.74 -3.60 -17.34
N THR A 390 -5.83 -4.57 -17.49
CA THR A 390 -4.51 -4.30 -18.13
C THR A 390 -4.70 -4.11 -19.62
N THR A 391 -5.90 -4.34 -20.14
CA THR A 391 -6.19 -3.95 -21.47
C THR A 391 -6.30 -2.47 -21.61
N LYS A 392 -6.78 -1.79 -20.55
CA LYS A 392 -7.10 -0.34 -20.74
C LYS A 392 -5.95 0.50 -21.28
N PRO A 393 -4.67 0.33 -20.87
CA PRO A 393 -3.71 1.22 -21.54
C PRO A 393 -3.48 0.91 -22.97
N LEU A 394 -3.55 -0.35 -23.33
CA LEU A 394 -3.13 -0.59 -24.74
C LEU A 394 -4.21 -0.10 -25.68
N LEU A 395 -5.43 -0.22 -25.19
CA LEU A 395 -6.49 -0.38 -26.18
C LEU A 395 -7.34 0.87 -26.09
N ALA A 396 -7.42 1.42 -24.88
CA ALA A 396 -8.25 2.53 -24.76
C ALA A 396 -7.43 3.79 -24.67
N TYR A 397 -6.69 4.03 -23.57
CA TYR A 397 -5.99 5.30 -23.48
C TYR A 397 -4.78 5.44 -24.33
N GLY A 398 -3.92 4.48 -24.45
CA GLY A 398 -2.82 4.85 -25.33
C GLY A 398 -3.35 5.14 -26.75
N ILE A 399 -4.38 4.48 -27.20
CA ILE A 399 -4.85 4.88 -28.53
C ILE A 399 -5.50 6.30 -28.58
N ALA A 400 -6.32 6.58 -27.57
CA ALA A 400 -6.99 7.87 -27.59
C ALA A 400 -5.87 8.91 -27.58
N ILE A 401 -4.83 8.62 -26.86
CA ILE A 401 -3.86 9.66 -26.78
C ILE A 401 -3.19 9.79 -28.08
N ASP A 402 -2.92 8.66 -28.67
CA ASP A 402 -2.03 8.65 -29.83
C ASP A 402 -2.75 9.28 -31.00
N GLN A 403 -4.08 9.35 -30.90
CA GLN A 403 -4.92 9.95 -31.95
C GLN A 403 -5.30 11.42 -31.65
N GLY A 404 -4.71 12.02 -30.63
CA GLY A 404 -4.93 13.41 -30.28
C GLY A 404 -6.29 13.64 -29.63
N LEU A 405 -7.02 12.62 -29.22
CA LEU A 405 -8.23 12.84 -28.45
C LEU A 405 -7.99 12.92 -26.96
N MET A 406 -6.73 12.91 -26.49
CA MET A 406 -6.52 13.12 -25.05
C MET A 406 -5.07 13.43 -24.73
N GLY A 407 -4.86 13.95 -23.51
CA GLY A 407 -3.52 14.32 -23.05
C GLY A 407 -3.54 13.92 -21.61
N SER A 408 -2.44 14.07 -20.85
CA SER A 408 -2.29 13.31 -19.58
C SER A 408 -3.21 13.78 -18.47
N GLU A 409 -3.76 14.99 -18.62
CA GLU A 409 -4.61 15.48 -17.50
C GLU A 409 -6.02 15.83 -17.90
N THR A 410 -6.47 15.32 -19.06
CA THR A 410 -7.81 15.41 -19.51
C THR A 410 -8.70 14.83 -18.46
N ILE A 411 -10.01 15.13 -18.57
CA ILE A 411 -10.99 14.66 -17.53
C ILE A 411 -11.93 13.58 -18.16
N LEU A 412 -12.56 12.75 -17.34
CA LEU A 412 -13.31 11.65 -17.82
C LEU A 412 -14.48 11.43 -16.91
N SER A 413 -15.59 10.92 -17.41
CA SER A 413 -16.69 10.81 -16.54
C SER A 413 -16.61 9.53 -15.86
N ASN A 414 -16.79 9.51 -14.55
CA ASN A 414 -17.07 8.31 -13.87
C ASN A 414 -18.46 8.43 -13.24
N TYR A 415 -19.41 9.12 -13.89
CA TYR A 415 -20.82 9.09 -13.30
C TYR A 415 -21.54 7.79 -13.56
N PRO A 416 -22.45 7.40 -12.65
CA PRO A 416 -23.14 6.10 -12.92
C PRO A 416 -23.60 6.01 -14.38
N THR A 417 -23.55 4.82 -14.98
CA THR A 417 -24.07 4.79 -16.36
C THR A 417 -24.27 3.36 -16.78
N ASN A 418 -24.94 3.12 -17.90
CA ASN A 418 -25.39 1.76 -18.08
C ASN A 418 -24.84 1.19 -19.36
N PHE A 419 -24.69 -0.12 -19.39
CA PHE A 419 -24.46 -0.75 -20.70
C PHE A 419 -25.71 -0.61 -21.61
N ALA A 420 -25.44 -1.00 -22.86
CA ALA A 420 -26.47 -1.06 -23.85
C ALA A 420 -27.63 -1.93 -23.28
N ASN A 421 -27.28 -3.01 -22.61
CA ASN A 421 -28.27 -3.99 -22.24
C ASN A 421 -29.04 -3.55 -20.94
N GLY A 422 -28.84 -2.31 -20.51
CA GLY A 422 -29.61 -1.83 -19.37
C GLY A 422 -28.80 -1.89 -18.12
N ASN A 423 -28.00 -2.97 -17.92
CA ASN A 423 -27.15 -3.14 -16.69
C ASN A 423 -26.17 -2.02 -16.30
N PRO A 424 -25.96 -1.85 -14.99
CA PRO A 424 -25.04 -0.70 -14.64
C PRO A 424 -23.65 -1.24 -14.58
N ILE A 425 -22.80 -0.30 -14.89
CA ILE A 425 -21.36 -0.45 -15.00
C ILE A 425 -20.63 -0.36 -13.64
N MET A 426 -20.09 -1.48 -13.16
CA MET A 426 -19.56 -1.50 -11.84
C MET A 426 -18.04 -1.29 -11.85
N TYR A 427 -17.51 -1.01 -10.65
CA TYR A 427 -16.15 -1.05 -10.27
C TYR A 427 -16.35 -1.65 -8.93
N ALA A 428 -16.05 -2.91 -8.72
CA ALA A 428 -16.35 -3.59 -7.41
C ALA A 428 -17.80 -3.31 -7.11
N ASN A 429 -18.01 -2.53 -6.03
CA ASN A 429 -19.37 -2.22 -5.53
C ASN A 429 -19.90 -0.83 -5.84
N SER A 430 -19.04 -0.09 -6.54
CA SER A 430 -19.39 1.24 -6.88
C SER A 430 -20.11 1.45 -8.26
N LYS A 431 -21.18 2.22 -8.15
CA LYS A 431 -22.00 2.53 -9.27
C LYS A 431 -21.31 3.62 -9.98
N GLY A 432 -20.21 4.09 -9.37
CA GLY A 432 -19.44 5.20 -9.91
C GLY A 432 -19.46 6.50 -9.13
N THR A 433 -18.67 7.50 -9.56
CA THR A 433 -18.59 8.74 -8.79
C THR A 433 -18.88 10.01 -9.52
N GLY A 434 -17.85 10.84 -9.78
CA GLY A 434 -18.05 12.07 -10.55
C GLY A 434 -17.04 12.16 -11.66
N MET A 435 -16.57 13.36 -12.04
CA MET A 435 -15.48 13.53 -13.05
C MET A 435 -14.14 13.30 -12.40
N MET A 436 -13.02 13.21 -13.16
CA MET A 436 -11.73 12.75 -12.60
C MET A 436 -10.60 12.75 -13.65
N THR A 437 -9.34 12.79 -13.24
CA THR A 437 -8.27 12.89 -14.25
C THR A 437 -7.91 11.53 -14.87
N LEU A 438 -7.22 11.52 -16.00
CA LEU A 438 -6.71 10.24 -16.46
C LEU A 438 -5.97 9.54 -15.25
N GLY A 439 -5.11 10.30 -14.53
CA GLY A 439 -4.27 9.71 -13.50
C GLY A 439 -5.19 8.88 -12.61
N GLU A 440 -6.23 9.53 -12.12
CA GLU A 440 -7.07 8.88 -11.11
C GLU A 440 -7.81 7.65 -11.79
N ALA A 441 -8.18 7.81 -13.03
CA ALA A 441 -8.83 6.73 -13.72
C ALA A 441 -7.80 5.56 -13.78
N LEU A 442 -6.55 5.82 -14.13
CA LEU A 442 -5.53 4.73 -14.21
C LEU A 442 -5.20 4.10 -12.89
N ASN A 443 -5.12 4.94 -11.84
CA ASN A 443 -4.56 4.41 -10.57
C ASN A 443 -5.52 3.58 -9.85
N TYR A 444 -6.79 3.88 -10.05
CA TYR A 444 -7.79 3.15 -9.31
C TYR A 444 -8.34 2.05 -10.27
N SER A 445 -8.15 2.27 -11.57
CA SER A 445 -8.76 1.43 -12.58
C SER A 445 -10.26 1.51 -12.58
N TRP A 446 -10.83 2.72 -12.74
CA TRP A 446 -12.24 2.89 -12.76
C TRP A 446 -12.68 2.38 -14.07
N ASN A 447 -13.77 1.66 -14.17
CA ASN A 447 -14.27 1.21 -15.50
C ASN A 447 -15.01 2.19 -16.40
N ILE A 448 -15.90 2.98 -15.83
CA ILE A 448 -16.64 3.94 -16.69
C ILE A 448 -15.79 4.78 -17.62
N PRO A 449 -14.73 5.45 -17.10
CA PRO A 449 -13.93 6.33 -18.00
C PRO A 449 -13.39 5.52 -19.12
N ALA A 450 -13.16 4.24 -18.82
CA ALA A 450 -12.47 3.44 -19.86
C ALA A 450 -13.52 3.10 -20.96
N TYR A 451 -14.71 2.69 -20.51
CA TYR A 451 -15.83 2.51 -21.34
C TYR A 451 -16.02 3.72 -22.34
N TRP A 452 -16.02 4.92 -21.74
CA TRP A 452 -16.26 6.17 -22.49
C TRP A 452 -15.17 6.39 -23.44
N THR A 453 -14.01 5.80 -23.21
CA THR A 453 -12.89 6.17 -24.08
C THR A 453 -12.95 5.35 -25.32
N TYR A 454 -13.26 4.08 -25.08
CA TYR A 454 -13.36 3.15 -26.19
C TYR A 454 -14.60 3.57 -27.06
N ARG A 455 -15.73 3.78 -26.39
CA ARG A 455 -16.85 4.46 -27.07
C ARG A 455 -16.44 5.74 -27.91
N MET A 456 -15.72 6.65 -27.35
CA MET A 456 -15.26 7.64 -28.23
C MET A 456 -14.46 7.02 -29.43
N LEU A 457 -13.70 5.94 -29.23
CA LEU A 457 -12.82 5.61 -30.38
C LEU A 457 -13.66 5.09 -31.56
N ARG A 458 -14.60 4.19 -31.26
CA ARG A 458 -15.71 3.82 -32.15
C ARG A 458 -16.42 5.09 -32.78
N GLU A 459 -16.90 6.03 -31.96
CA GLU A 459 -17.59 7.18 -32.58
C GLU A 459 -16.73 7.73 -33.66
N ASN A 460 -15.42 7.94 -33.47
CA ASN A 460 -14.54 8.52 -34.59
C ASN A 460 -14.04 7.52 -35.59
N GLY A 461 -14.65 6.36 -35.50
CA GLY A 461 -14.15 5.19 -36.21
C GLY A 461 -12.65 5.01 -36.24
N VAL A 462 -11.94 5.08 -35.09
CA VAL A 462 -10.50 4.82 -35.18
C VAL A 462 -10.16 3.33 -35.55
N ASP A 463 -9.09 3.10 -36.32
CA ASP A 463 -8.55 1.77 -36.66
C ASP A 463 -7.87 0.96 -35.49
N VAL A 464 -8.70 0.55 -34.51
CA VAL A 464 -8.22 0.07 -33.25
C VAL A 464 -7.54 -1.27 -33.51
N LYS A 465 -8.07 -2.03 -34.48
CA LYS A 465 -7.49 -3.32 -34.68
C LYS A 465 -6.16 -3.28 -35.50
N GLY A 466 -6.01 -2.23 -36.29
CA GLY A 466 -4.67 -1.89 -36.80
C GLY A 466 -3.61 -1.79 -35.69
N TYR A 467 -3.94 -1.25 -34.50
CA TYR A 467 -2.98 -1.20 -33.40
C TYR A 467 -2.77 -2.57 -32.82
N MET A 468 -3.86 -3.22 -32.39
CA MET A 468 -3.81 -4.52 -31.73
C MET A 468 -3.19 -5.60 -32.59
N GLU A 469 -3.53 -5.61 -33.84
CA GLU A 469 -3.01 -6.64 -34.69
C GLU A 469 -1.53 -6.38 -34.87
N LYS A 470 -1.03 -5.15 -34.70
CA LYS A 470 0.40 -4.93 -34.93
C LYS A 470 1.24 -5.45 -33.77
N MET A 471 0.58 -5.68 -32.63
CA MET A 471 1.29 -6.31 -31.54
C MET A 471 1.00 -7.78 -31.54
N GLY A 472 0.34 -8.25 -32.58
CA GLY A 472 -0.05 -9.72 -32.58
C GLY A 472 -1.27 -10.16 -31.76
N TYR A 473 -2.08 -9.19 -31.36
CA TYR A 473 -3.25 -9.62 -30.65
C TYR A 473 -4.28 -10.03 -31.66
N GLU A 474 -5.03 -11.03 -31.24
CA GLU A 474 -6.15 -11.59 -31.97
C GLU A 474 -7.49 -11.38 -31.28
N ILE A 475 -8.27 -10.38 -31.63
CA ILE A 475 -9.56 -10.20 -30.96
C ILE A 475 -10.71 -10.34 -31.97
N PRO A 476 -11.72 -11.19 -31.69
CA PRO A 476 -12.61 -11.52 -32.78
C PRO A 476 -13.65 -10.48 -32.97
N GLU A 477 -13.97 -9.66 -31.97
CA GLU A 477 -15.12 -8.77 -32.19
C GLU A 477 -14.80 -7.39 -31.58
N TYR A 478 -14.56 -6.37 -32.38
CA TYR A 478 -14.03 -5.18 -31.75
C TYR A 478 -15.08 -4.31 -31.18
N GLY A 479 -16.33 -4.77 -31.17
CA GLY A 479 -17.48 -3.84 -30.99
C GLY A 479 -18.12 -4.03 -29.60
N ILE A 480 -17.60 -5.05 -28.87
CA ILE A 480 -17.85 -5.28 -27.42
C ILE A 480 -17.86 -4.04 -26.48
N GLU A 481 -18.95 -3.78 -25.79
CA GLU A 481 -18.78 -2.58 -25.02
C GLU A 481 -17.70 -2.76 -23.89
N SER A 482 -17.55 -3.93 -23.23
CA SER A 482 -16.51 -4.12 -22.18
C SER A 482 -15.07 -4.41 -22.69
N LEU A 483 -14.77 -4.07 -23.90
CA LEU A 483 -13.51 -4.52 -24.42
C LEU A 483 -12.33 -4.00 -23.59
N PRO A 484 -12.28 -2.70 -23.31
CA PRO A 484 -11.14 -2.10 -22.69
C PRO A 484 -11.01 -2.73 -21.30
N MET A 485 -12.09 -3.22 -20.73
CA MET A 485 -12.00 -3.91 -19.43
C MET A 485 -11.68 -5.38 -19.63
N GLY A 486 -11.42 -5.72 -20.86
CA GLY A 486 -11.11 -7.10 -21.10
C GLY A 486 -12.20 -8.08 -21.50
N GLY A 487 -13.49 -7.69 -21.56
CA GLY A 487 -14.45 -8.58 -22.19
C GLY A 487 -14.12 -8.81 -23.68
N GLY A 488 -14.43 -10.01 -24.21
CA GLY A 488 -14.10 -10.39 -25.59
C GLY A 488 -12.63 -10.58 -25.91
N ILE A 489 -11.70 -10.54 -24.92
CA ILE A 489 -10.23 -10.69 -25.28
C ILE A 489 -9.73 -11.83 -24.48
N GLU A 490 -8.93 -12.69 -25.09
CA GLU A 490 -8.14 -13.59 -24.23
C GLU A 490 -6.73 -13.86 -24.77
N VAL A 491 -5.72 -13.86 -23.88
CA VAL A 491 -4.27 -13.81 -24.28
C VAL A 491 -3.49 -14.69 -23.37
N THR A 492 -2.33 -15.17 -23.83
CA THR A 492 -1.40 -15.87 -22.95
C THR A 492 -0.47 -14.87 -22.19
N VAL A 493 0.32 -15.20 -21.15
CA VAL A 493 1.11 -14.17 -20.53
C VAL A 493 2.19 -13.73 -21.56
N ALA A 494 2.82 -14.68 -22.18
CA ALA A 494 3.75 -14.28 -23.21
C ALA A 494 3.18 -13.29 -24.24
N GLN A 495 2.00 -13.50 -24.82
CA GLN A 495 1.62 -12.49 -25.91
C GLN A 495 1.46 -11.12 -25.26
N HIS A 496 0.98 -11.17 -23.99
CA HIS A 496 0.50 -9.98 -23.36
C HIS A 496 1.67 -9.13 -22.85
N THR A 497 2.68 -9.88 -22.44
CA THR A 497 3.93 -9.26 -22.10
C THR A 497 4.35 -8.46 -23.35
N ASN A 498 4.06 -8.94 -24.57
CA ASN A 498 4.71 -8.29 -25.74
C ASN A 498 3.97 -6.95 -26.04
N GLY A 499 2.71 -6.85 -25.54
CA GLY A 499 1.90 -5.58 -25.58
C GLY A 499 2.54 -4.53 -24.62
N TYR A 500 3.00 -4.99 -23.45
CA TYR A 500 3.72 -4.05 -22.55
C TYR A 500 5.19 -3.77 -23.00
N GLN A 501 5.84 -4.77 -23.64
CA GLN A 501 7.08 -4.48 -24.45
C GLN A 501 6.95 -3.28 -25.41
N THR A 502 5.74 -3.16 -25.95
CA THR A 502 5.58 -2.08 -26.91
C THR A 502 5.53 -0.69 -26.29
N LEU A 503 4.80 -0.57 -25.15
CA LEU A 503 4.59 0.71 -24.42
C LEU A 503 5.95 1.05 -23.85
N ALA A 504 6.64 0.03 -23.34
CA ALA A 504 7.98 0.35 -22.75
C ALA A 504 9.08 0.63 -23.77
N ASN A 505 9.07 0.14 -25.02
CA ASN A 505 10.21 0.39 -25.89
C ASN A 505 9.82 1.62 -26.71
N ASN A 506 9.36 2.66 -26.01
CA ASN A 506 8.79 3.81 -26.70
C ASN A 506 7.88 3.55 -27.87
N GLY A 507 6.93 2.68 -27.67
CA GLY A 507 6.06 2.35 -28.71
C GLY A 507 6.50 1.52 -29.94
N VAL A 508 7.79 1.15 -30.00
CA VAL A 508 8.26 0.17 -31.00
C VAL A 508 8.12 -1.32 -30.62
N TYR A 509 7.14 -2.04 -31.19
CA TYR A 509 6.90 -3.45 -30.87
C TYR A 509 8.03 -4.28 -31.40
N HIS A 510 8.42 -5.32 -30.71
CA HIS A 510 9.37 -6.25 -31.46
C HIS A 510 8.78 -7.60 -31.13
N GLN A 511 8.74 -8.46 -32.14
CA GLN A 511 7.98 -9.60 -31.92
C GLN A 511 8.65 -10.62 -30.95
N LYS A 512 7.87 -11.11 -29.97
CA LYS A 512 8.33 -12.13 -28.93
C LYS A 512 8.98 -13.38 -29.51
N HIS A 513 10.12 -13.87 -29.02
CA HIS A 513 10.59 -15.13 -29.55
C HIS A 513 11.52 -15.78 -28.63
N VAL A 514 11.61 -17.10 -28.78
CA VAL A 514 12.44 -17.89 -27.94
C VAL A 514 13.66 -18.40 -28.65
N ILE A 515 13.59 -18.61 -29.98
CA ILE A 515 14.64 -19.28 -30.70
C ILE A 515 15.42 -18.20 -31.50
N SER A 516 16.77 -18.14 -31.48
CA SER A 516 17.42 -17.09 -32.40
C SER A 516 17.98 -17.70 -33.68
N LYS A 517 18.39 -18.95 -33.61
CA LYS A 517 19.10 -19.52 -34.72
C LYS A 517 19.05 -21.07 -34.59
N ILE A 518 19.00 -21.75 -35.75
CA ILE A 518 19.24 -23.21 -35.77
C ILE A 518 20.19 -23.40 -36.92
N GLU A 519 21.28 -24.14 -36.69
CA GLU A 519 22.49 -24.27 -37.60
C GLU A 519 22.57 -25.79 -37.75
N ALA A 520 22.96 -26.25 -38.91
CA ALA A 520 23.28 -27.64 -39.03
C ALA A 520 24.66 -27.81 -38.32
N ALA A 521 25.03 -29.04 -37.88
CA ALA A 521 26.46 -29.28 -37.51
C ALA A 521 27.55 -28.57 -38.38
N ASP A 522 27.34 -28.14 -39.62
CA ASP A 522 28.51 -27.73 -40.38
C ASP A 522 28.34 -26.20 -40.60
N GLY A 523 27.44 -25.61 -39.83
CA GLY A 523 27.24 -24.20 -39.99
C GLY A 523 26.13 -23.85 -40.94
N ARG A 524 25.65 -24.70 -41.84
CA ARG A 524 24.56 -24.19 -42.65
C ARG A 524 23.41 -23.60 -41.85
N VAL A 525 22.83 -22.50 -42.29
CA VAL A 525 21.80 -21.91 -41.42
C VAL A 525 20.38 -22.34 -41.78
N VAL A 526 19.75 -23.16 -40.96
CA VAL A 526 18.44 -23.62 -41.21
C VAL A 526 17.45 -22.56 -40.94
N TYR A 527 17.69 -21.82 -39.83
CA TYR A 527 16.78 -20.73 -39.49
C TYR A 527 17.33 -19.55 -38.62
N GLU A 528 16.91 -18.33 -39.00
CA GLU A 528 17.36 -17.16 -38.19
C GLU A 528 16.24 -16.16 -37.91
N TYR A 529 16.04 -15.85 -36.64
CA TYR A 529 15.12 -14.82 -36.23
C TYR A 529 15.50 -13.57 -36.96
N GLN A 530 14.58 -12.89 -37.65
CA GLN A 530 14.95 -11.68 -38.41
C GLN A 530 14.10 -10.53 -37.90
N ASP A 531 14.73 -9.60 -37.20
CA ASP A 531 13.93 -8.51 -36.52
C ASP A 531 12.93 -7.74 -37.46
N LYS A 532 11.60 -7.67 -37.12
CA LYS A 532 10.59 -6.98 -37.96
C LYS A 532 9.94 -5.86 -37.08
N PRO A 533 10.71 -4.77 -36.67
CA PRO A 533 10.34 -3.65 -35.75
C PRO A 533 9.21 -2.86 -36.31
N VAL A 534 8.27 -2.44 -35.45
CA VAL A 534 7.06 -1.78 -35.96
C VAL A 534 6.63 -0.75 -34.95
N GLN A 535 6.46 0.46 -35.45
CA GLN A 535 6.19 1.66 -34.63
C GLN A 535 4.67 1.75 -34.36
N VAL A 536 4.16 1.23 -33.24
CA VAL A 536 2.72 1.09 -32.97
C VAL A 536 2.05 2.32 -32.40
N TYR A 537 2.60 2.87 -31.31
CA TYR A 537 2.19 4.17 -30.78
C TYR A 537 3.24 5.23 -31.14
N SER A 538 2.94 6.49 -31.48
CA SER A 538 4.12 7.46 -31.57
C SER A 538 4.99 7.41 -30.28
N LYS A 539 6.25 7.84 -30.37
CA LYS A 539 7.12 8.06 -29.19
C LYS A 539 6.51 9.02 -28.14
N ALA A 540 5.72 9.95 -28.58
CA ALA A 540 5.13 10.81 -27.60
C ALA A 540 4.10 10.06 -26.77
N THR A 541 3.30 9.26 -27.42
CA THR A 541 2.25 8.58 -26.71
C THR A 541 2.88 7.59 -25.70
N ALA A 542 3.86 6.83 -26.20
CA ALA A 542 4.36 5.74 -25.37
C ALA A 542 4.98 6.43 -24.20
N THR A 543 5.62 7.59 -24.43
CA THR A 543 6.25 8.19 -23.24
C THR A 543 5.27 8.90 -22.34
N ILE A 544 4.21 9.47 -22.90
CA ILE A 544 3.31 10.03 -21.92
C ILE A 544 2.76 8.81 -21.24
N MET A 545 2.49 7.71 -21.99
CA MET A 545 1.99 6.54 -21.27
C MET A 545 2.91 5.95 -20.19
N GLN A 546 4.22 6.06 -20.38
CA GLN A 546 5.16 5.63 -19.37
C GLN A 546 4.91 6.43 -18.09
N GLY A 547 4.78 7.77 -18.23
CA GLY A 547 4.61 8.65 -17.09
C GLY A 547 3.40 8.25 -16.34
N LEU A 548 2.27 8.07 -17.05
CA LEU A 548 1.08 7.47 -16.33
C LEU A 548 1.32 6.18 -15.58
N LEU A 549 2.03 5.26 -16.14
CA LEU A 549 2.09 3.92 -15.45
C LEU A 549 3.09 4.00 -14.34
N ARG A 550 3.97 5.00 -14.37
CA ARG A 550 4.85 5.24 -13.20
C ARG A 550 4.02 5.46 -12.00
N GLU A 551 2.97 6.25 -12.13
CA GLU A 551 2.08 6.38 -10.91
C GLU A 551 1.10 5.32 -10.66
N VAL A 552 0.62 4.52 -11.63
CA VAL A 552 -0.14 3.44 -11.18
C VAL A 552 0.66 2.70 -10.10
N LEU A 553 1.93 2.37 -10.31
CA LEU A 553 2.61 1.60 -9.15
C LEU A 553 2.91 2.44 -7.92
N SER A 554 3.59 3.57 -8.05
CA SER A 554 3.75 4.46 -6.83
C SER A 554 2.51 4.72 -6.03
N SER A 555 1.39 4.89 -6.64
CA SER A 555 0.32 5.33 -5.84
C SER A 555 -0.22 4.20 -5.03
N ARG A 556 0.11 2.93 -5.35
CA ARG A 556 -0.27 1.73 -4.56
C ARG A 556 -1.76 1.53 -4.37
N VAL A 557 -2.54 2.09 -5.26
CA VAL A 557 -3.97 1.87 -5.02
C VAL A 557 -4.40 0.44 -5.39
N THR A 558 -3.89 -0.07 -6.51
CA THR A 558 -4.39 -1.37 -6.85
C THR A 558 -3.20 -2.36 -6.72
N THR A 559 -1.97 -1.98 -6.44
CA THR A 559 -1.00 -3.05 -6.07
C THR A 559 0.00 -2.60 -5.01
N THR A 560 0.49 -3.55 -4.23
CA THR A 560 1.42 -3.25 -3.16
C THR A 560 2.89 -3.45 -3.55
N PHE A 561 3.06 -3.95 -4.72
CA PHE A 561 4.39 -4.10 -5.31
C PHE A 561 5.52 -3.08 -4.92
N LYS A 562 5.36 -1.77 -5.19
CA LYS A 562 6.50 -0.82 -4.88
C LYS A 562 6.85 -1.04 -3.37
N SER A 563 5.86 -1.32 -2.52
CA SER A 563 6.16 -1.44 -1.07
C SER A 563 6.91 -2.67 -0.81
N ASN A 564 6.58 -3.81 -1.44
CA ASN A 564 7.11 -5.08 -1.01
C ASN A 564 8.50 -4.97 -1.63
N LEU A 565 8.67 -4.29 -2.75
CA LEU A 565 9.97 -4.43 -3.37
C LEU A 565 10.94 -3.46 -2.67
N THR A 566 10.49 -2.23 -2.38
CA THR A 566 11.35 -1.32 -1.57
C THR A 566 11.99 -2.09 -0.39
N SER A 567 11.14 -2.81 0.38
CA SER A 567 11.67 -3.60 1.54
C SER A 567 12.56 -4.73 1.18
N LEU A 568 12.30 -5.39 0.01
CA LEU A 568 13.15 -6.51 -0.29
C LEU A 568 14.47 -6.05 -0.84
N ASN A 569 14.44 -4.89 -1.49
CA ASN A 569 15.59 -4.46 -2.11
C ASN A 569 15.47 -3.01 -2.58
N PRO A 570 15.79 -2.06 -1.64
CA PRO A 570 15.54 -0.58 -1.82
C PRO A 570 16.17 -0.03 -3.05
N THR A 571 17.36 -0.53 -3.36
CA THR A 571 18.11 0.04 -4.51
C THR A 571 17.53 -0.37 -5.88
N LEU A 572 17.11 -1.65 -6.01
CA LEU A 572 16.31 -2.02 -7.21
C LEU A 572 14.95 -1.26 -7.25
N ALA A 573 14.19 -1.26 -6.10
CA ALA A 573 12.97 -0.44 -6.00
C ALA A 573 13.11 1.02 -6.55
N ASN A 574 14.34 1.53 -6.64
CA ASN A 574 14.52 2.91 -7.16
C ASN A 574 14.81 2.99 -8.57
N ALA A 575 15.09 1.83 -9.23
CA ALA A 575 14.92 1.83 -10.72
C ALA A 575 13.52 2.29 -11.19
N ASP A 576 13.37 2.52 -12.46
CA ASP A 576 12.22 3.31 -12.78
C ASP A 576 11.03 2.34 -13.13
N TRP A 577 10.28 1.82 -12.18
CA TRP A 577 9.36 0.74 -12.44
C TRP A 577 8.10 1.32 -13.08
N ILE A 578 7.46 0.74 -14.16
CA ILE A 578 6.01 1.18 -14.49
C ILE A 578 5.13 -0.09 -14.63
N GLY A 579 3.80 0.04 -14.53
CA GLY A 579 2.88 -1.09 -14.95
C GLY A 579 1.40 -1.01 -14.52
N LYS A 580 0.64 -2.12 -14.39
CA LYS A 580 -0.83 -2.06 -14.32
C LYS A 580 -1.27 -3.35 -13.84
N THR A 581 -2.25 -3.37 -13.04
CA THR A 581 -2.84 -4.63 -12.61
C THR A 581 -4.23 -4.92 -13.40
N GLY A 582 -4.74 -6.13 -13.22
CA GLY A 582 -5.98 -6.46 -13.75
C GLY A 582 -6.65 -7.45 -12.85
N THR A 583 -7.97 -7.31 -12.75
CA THR A 583 -8.78 -8.33 -12.10
C THR A 583 -10.06 -8.59 -12.88
N THR A 584 -10.21 -9.78 -13.36
CA THR A 584 -11.49 -10.15 -14.08
C THR A 584 -12.60 -10.22 -13.05
N ASN A 585 -13.90 -10.14 -13.41
CA ASN A 585 -14.84 -9.80 -12.19
C ASN A 585 -15.10 -11.11 -11.60
N GLN A 586 -15.74 -11.24 -10.48
CA GLN A 586 -15.49 -12.62 -9.90
C GLN A 586 -14.04 -13.05 -9.49
N ASP A 587 -12.99 -12.28 -9.76
CA ASP A 587 -11.68 -12.49 -9.13
C ASP A 587 -11.03 -13.79 -9.61
N GLU A 588 -11.21 -14.19 -10.86
CA GLU A 588 -10.58 -15.47 -11.22
C GLU A 588 -9.29 -15.27 -11.86
N ASN A 589 -9.05 -14.15 -12.49
CA ASN A 589 -7.69 -13.86 -12.86
C ASN A 589 -7.16 -12.54 -12.36
N MET A 590 -5.85 -12.50 -12.03
CA MET A 590 -5.11 -11.27 -11.52
C MET A 590 -3.96 -11.21 -12.38
N TRP A 591 -3.67 -9.98 -12.83
CA TRP A 591 -2.50 -9.82 -13.64
C TRP A 591 -1.65 -8.73 -13.05
N LEU A 592 -0.35 -8.80 -13.23
CA LEU A 592 0.49 -7.56 -12.96
C LEU A 592 1.40 -7.43 -14.12
N MET A 593 1.30 -6.37 -14.91
CA MET A 593 2.39 -6.12 -15.87
C MET A 593 3.44 -5.05 -15.39
N LEU A 594 4.74 -5.37 -15.40
CA LEU A 594 5.80 -4.46 -14.89
C LEU A 594 6.75 -4.10 -15.95
N SER A 595 7.29 -2.90 -15.91
CA SER A 595 8.45 -2.67 -16.88
C SER A 595 9.49 -1.74 -16.26
N THR A 596 10.75 -1.97 -16.58
CA THR A 596 11.74 -0.90 -16.46
C THR A 596 12.08 -0.57 -17.90
N PRO A 597 12.92 0.48 -18.20
CA PRO A 597 13.18 0.73 -19.71
C PRO A 597 13.80 -0.42 -20.53
N ARG A 598 14.42 -1.36 -19.84
CA ARG A 598 15.17 -2.45 -20.46
C ARG A 598 14.35 -3.72 -20.56
N LEU A 599 13.46 -3.99 -19.62
CA LEU A 599 12.78 -5.28 -19.51
C LEU A 599 11.25 -5.09 -19.31
N THR A 600 10.47 -6.09 -19.77
CA THR A 600 9.11 -6.17 -19.30
C THR A 600 8.94 -7.48 -18.56
N LEU A 601 8.16 -7.49 -17.46
CA LEU A 601 7.82 -8.80 -16.85
C LEU A 601 6.31 -8.92 -16.63
N GLY A 602 5.70 -9.92 -17.35
CA GLY A 602 4.19 -10.12 -17.35
C GLY A 602 3.90 -11.12 -16.25
N GLY A 603 2.86 -11.01 -15.40
CA GLY A 603 2.61 -12.12 -14.51
C GLY A 603 1.10 -12.37 -14.43
N TRP A 604 0.66 -13.68 -14.39
CA TRP A 604 -0.72 -13.93 -14.22
C TRP A 604 -0.82 -14.89 -13.07
N ILE A 605 -1.96 -14.84 -12.41
CA ILE A 605 -2.22 -15.94 -11.51
C ILE A 605 -3.65 -16.26 -11.63
N GLY A 606 -4.00 -17.49 -11.23
CA GLY A 606 -5.41 -18.09 -11.32
C GLY A 606 -5.51 -19.59 -10.99
N HIS A 607 -6.60 -20.20 -11.43
CA HIS A 607 -6.89 -21.63 -11.14
C HIS A 607 -7.13 -22.29 -12.48
N ASP A 608 -6.59 -23.49 -12.67
CA ASP A 608 -6.76 -24.19 -13.97
C ASP A 608 -8.23 -24.42 -14.25
N ASP A 609 -9.12 -24.65 -13.24
CA ASP A 609 -10.58 -24.71 -13.56
C ASP A 609 -11.33 -23.39 -13.56
N ASN A 610 -10.69 -22.26 -13.34
CA ASN A 610 -11.38 -20.99 -13.35
C ASN A 610 -12.16 -20.54 -12.15
N HIS A 611 -12.20 -21.30 -11.08
CA HIS A 611 -12.85 -20.71 -9.95
C HIS A 611 -12.05 -19.48 -9.40
N SER A 612 -12.69 -18.91 -8.40
CA SER A 612 -12.29 -17.71 -7.67
C SER A 612 -11.02 -17.72 -6.75
N LEU A 613 -10.17 -16.72 -6.95
CA LEU A 613 -9.13 -16.42 -5.99
C LEU A 613 -9.83 -15.60 -4.93
N SER A 614 -9.12 -15.34 -3.86
CA SER A 614 -9.63 -14.50 -2.77
C SER A 614 -9.63 -13.06 -3.24
N GLN A 615 -10.42 -12.18 -2.65
CA GLN A 615 -10.32 -10.72 -3.00
C GLN A 615 -8.89 -10.03 -3.17
N GLN A 616 -7.92 -10.37 -2.31
CA GLN A 616 -6.63 -9.68 -2.23
C GLN A 616 -5.59 -10.45 -3.11
N ALA A 617 -5.92 -11.58 -3.77
CA ALA A 617 -4.89 -12.31 -4.49
C ALA A 617 -4.07 -11.49 -5.37
N GLY A 618 -4.64 -10.53 -6.17
CA GLY A 618 -3.89 -9.61 -7.09
C GLY A 618 -3.17 -8.52 -6.26
N TYR A 619 -3.94 -7.92 -5.40
CA TYR A 619 -3.54 -6.77 -4.67
C TYR A 619 -2.28 -6.98 -3.79
N SER A 620 -2.36 -7.92 -2.86
CA SER A 620 -1.26 -8.44 -1.99
C SER A 620 -0.47 -9.67 -2.56
N ASN A 621 -1.04 -10.91 -2.57
CA ASN A 621 -0.14 -12.07 -2.91
C ASN A 621 0.67 -12.02 -4.24
N ASN A 622 0.06 -11.77 -5.43
CA ASN A 622 0.80 -11.73 -6.64
C ASN A 622 1.75 -10.57 -6.54
N SER A 623 1.26 -9.42 -6.06
CA SER A 623 2.24 -8.29 -5.78
C SER A 623 3.47 -8.74 -4.93
N ASN A 624 3.28 -9.32 -3.77
CA ASN A 624 4.49 -9.74 -3.10
C ASN A 624 5.30 -10.86 -3.82
N TYR A 625 4.63 -11.94 -4.34
CA TYR A 625 5.31 -12.90 -5.16
C TYR A 625 6.11 -12.23 -6.31
N MET A 626 5.49 -11.31 -7.06
CA MET A 626 6.31 -10.73 -8.08
C MET A 626 7.59 -9.93 -7.54
N ALA A 627 7.43 -9.20 -6.43
CA ALA A 627 8.55 -8.53 -5.78
C ALA A 627 9.72 -9.52 -5.58
N HIS A 628 9.43 -10.75 -5.07
CA HIS A 628 10.42 -11.87 -4.95
C HIS A 628 10.95 -12.28 -6.27
N LEU A 629 10.02 -12.31 -7.22
CA LEU A 629 10.53 -12.73 -8.51
C LEU A 629 11.56 -11.74 -9.10
N VAL A 630 11.26 -10.46 -8.89
CA VAL A 630 11.98 -9.44 -9.57
C VAL A 630 13.35 -9.33 -8.84
N ASN A 631 13.32 -9.55 -7.54
CA ASN A 631 14.55 -9.69 -6.77
C ASN A 631 15.48 -10.83 -7.26
N ALA A 632 14.98 -12.09 -7.19
CA ALA A 632 15.71 -13.27 -7.69
C ALA A 632 16.30 -12.95 -9.02
N ILE A 633 15.58 -12.24 -9.96
CA ILE A 633 16.21 -11.94 -11.26
C ILE A 633 17.48 -11.07 -11.17
N GLN A 634 17.35 -9.90 -10.54
CA GLN A 634 18.43 -8.97 -10.33
C GLN A 634 19.52 -9.63 -9.54
N GLN A 635 19.16 -10.30 -8.45
CA GLN A 635 20.20 -10.97 -7.71
C GLN A 635 20.94 -11.94 -8.54
N ALA A 636 20.44 -12.33 -9.73
CA ALA A 636 21.16 -13.41 -10.51
C ALA A 636 21.85 -12.74 -11.61
N SER A 637 21.36 -11.57 -12.01
CA SER A 637 21.98 -10.78 -13.05
C SER A 637 21.94 -9.23 -12.76
N PRO A 638 22.96 -8.75 -12.01
CA PRO A 638 22.69 -7.47 -11.27
C PRO A 638 22.41 -6.23 -12.11
N SER A 639 22.82 -6.24 -13.38
CA SER A 639 22.63 -5.10 -14.26
C SER A 639 21.40 -5.20 -15.11
N ILE A 640 20.68 -6.37 -15.10
CA ILE A 640 19.71 -6.64 -16.20
C ILE A 640 18.54 -5.68 -16.26
N TRP A 641 18.09 -5.12 -15.13
CA TRP A 641 16.91 -4.24 -15.13
C TRP A 641 17.31 -2.87 -15.56
N GLY A 642 18.60 -2.59 -15.41
CA GLY A 642 19.06 -1.25 -15.79
C GLY A 642 18.79 -0.14 -14.82
N ASN A 643 19.47 0.96 -14.96
CA ASN A 643 19.30 2.07 -14.01
C ASN A 643 18.83 3.29 -14.82
N GLU A 644 18.55 3.11 -16.09
CA GLU A 644 17.90 4.16 -16.93
C GLU A 644 16.50 4.64 -16.49
N ARG A 645 16.19 5.82 -17.03
CA ARG A 645 14.87 6.47 -16.84
C ARG A 645 13.96 6.55 -18.09
N PHE A 646 12.66 6.44 -17.87
CA PHE A 646 11.68 6.72 -18.84
C PHE A 646 11.65 8.22 -18.88
N ALA A 647 11.68 8.76 -20.09
CA ALA A 647 11.60 10.23 -20.25
C ALA A 647 10.56 10.66 -21.30
N LEU A 648 9.82 11.77 -21.07
CA LEU A 648 8.95 12.30 -22.15
C LEU A 648 9.79 12.51 -23.33
N ASP A 649 9.43 11.99 -24.47
CA ASP A 649 10.08 12.34 -25.69
C ASP A 649 10.11 13.90 -26.06
N PRO A 650 11.27 14.43 -26.53
CA PRO A 650 11.23 15.88 -26.95
C PRO A 650 9.90 16.29 -27.77
N SER A 651 9.35 15.36 -28.57
CA SER A 651 8.13 15.71 -29.32
C SER A 651 6.83 15.77 -28.59
N VAL A 652 6.76 15.50 -27.30
CA VAL A 652 5.51 15.65 -26.56
C VAL A 652 5.26 17.12 -26.58
N VAL A 653 4.03 17.55 -26.70
CA VAL A 653 3.69 18.96 -26.57
C VAL A 653 3.18 19.23 -25.16
N LYS A 654 3.77 20.19 -24.44
CA LYS A 654 3.32 20.49 -23.10
C LYS A 654 2.30 21.64 -23.27
N SER A 655 1.06 21.44 -22.79
CA SER A 655 -0.01 22.46 -22.81
C SER A 655 -0.48 22.86 -21.49
N GLU A 656 -1.27 23.90 -21.52
CA GLU A 656 -1.40 24.71 -20.31
C GLU A 656 -2.85 24.70 -19.81
N VAL A 657 -3.20 24.03 -18.71
CA VAL A 657 -4.63 23.82 -18.59
C VAL A 657 -5.16 23.89 -17.20
N LEU A 658 -6.47 23.68 -17.04
CA LEU A 658 -7.08 23.86 -15.74
C LEU A 658 -7.30 22.57 -14.91
N LYS A 659 -6.72 22.44 -13.73
CA LYS A 659 -6.92 21.21 -12.95
C LYS A 659 -8.31 20.64 -13.22
N SER A 660 -9.24 21.55 -13.47
CA SER A 660 -10.67 21.25 -13.36
C SER A 660 -11.42 20.73 -14.60
N THR A 661 -10.93 21.05 -15.80
CA THR A 661 -11.61 20.67 -17.02
C THR A 661 -10.63 19.96 -17.91
N GLY A 662 -9.35 20.25 -17.71
CA GLY A 662 -8.35 19.60 -18.46
C GLY A 662 -8.15 20.34 -19.75
N GLN A 663 -8.89 21.42 -19.91
CA GLN A 663 -8.76 22.20 -21.14
C GLN A 663 -8.17 23.55 -20.82
N LYS A 664 -7.81 24.30 -21.88
CA LYS A 664 -7.13 25.59 -21.66
C LYS A 664 -8.13 26.57 -20.96
N PRO A 665 -7.63 27.57 -20.11
CA PRO A 665 -8.60 28.54 -19.48
C PRO A 665 -9.18 29.50 -20.62
N GLY A 666 -10.49 29.79 -20.52
CA GLY A 666 -11.27 30.35 -21.62
C GLY A 666 -12.64 30.62 -21.03
N LYS A 667 -13.56 31.07 -21.89
CA LYS A 667 -14.92 31.47 -21.51
C LYS A 667 -15.91 30.41 -22.01
N VAL A 668 -17.04 30.20 -21.32
CA VAL A 668 -18.04 29.19 -21.77
C VAL A 668 -19.54 29.60 -21.83
N SER A 669 -20.18 29.30 -22.99
CA SER A 669 -21.64 29.13 -23.06
C SER A 669 -22.18 28.15 -21.92
N VAL A 670 -22.20 28.61 -20.64
CA VAL A 670 -22.84 27.82 -19.52
C VAL A 670 -24.38 27.84 -19.70
N GLU A 671 -24.88 26.85 -20.50
CA GLU A 671 -26.30 26.74 -21.12
C GLU A 671 -27.13 28.12 -21.21
N GLY A 672 -26.79 28.97 -22.22
CA GLY A 672 -27.13 30.42 -22.24
C GLY A 672 -26.55 31.19 -21.04
N LYS A 673 -25.53 32.03 -21.31
CA LYS A 673 -24.79 32.91 -20.35
C LYS A 673 -23.29 32.92 -20.71
N GLU A 674 -22.44 33.10 -19.71
CA GLU A 674 -21.01 33.23 -19.95
C GLU A 674 -20.24 33.21 -18.62
N VAL A 675 -19.24 32.31 -18.50
CA VAL A 675 -18.15 32.51 -17.51
C VAL A 675 -16.72 32.37 -18.09
N GLU A 676 -15.87 33.38 -17.80
CA GLU A 676 -14.39 33.28 -17.79
C GLU A 676 -14.11 32.23 -16.72
N VAL A 677 -13.25 31.24 -17.04
CA VAL A 677 -13.08 30.04 -16.17
C VAL A 677 -11.75 29.97 -15.44
N THR A 678 -11.73 29.84 -14.13
CA THR A 678 -10.40 29.68 -13.43
C THR A 678 -10.33 28.84 -12.07
N GLY A 679 -9.17 28.93 -11.42
CA GLY A 679 -8.74 28.00 -10.35
C GLY A 679 -7.29 27.81 -10.80
N SER A 680 -6.50 27.11 -9.97
CA SER A 680 -5.13 26.87 -10.42
C SER A 680 -5.05 25.85 -11.56
N THR A 681 -3.88 25.81 -12.21
CA THR A 681 -3.78 25.14 -13.49
C THR A 681 -2.59 24.15 -13.42
N VAL A 682 -2.48 23.22 -14.41
CA VAL A 682 -1.59 21.98 -14.36
C VAL A 682 -1.01 21.71 -15.73
N THR A 683 0.21 21.16 -15.81
CA THR A 683 0.72 20.70 -17.16
C THR A 683 -0.11 19.43 -17.82
N SER A 684 -0.41 19.47 -19.12
CA SER A 684 -0.90 18.27 -19.87
C SER A 684 -0.01 17.92 -21.07
N TYR A 685 0.43 16.65 -21.04
CA TYR A 685 1.22 16.15 -22.08
C TYR A 685 0.27 15.65 -23.10
N TRP A 686 0.42 16.11 -24.33
CA TRP A 686 -0.43 15.73 -25.50
C TRP A 686 0.46 15.17 -26.60
N ALA A 687 -0.12 14.33 -27.47
CA ALA A 687 0.68 13.65 -28.51
C ALA A 687 0.30 14.09 -29.81
N ASN A 688 -0.51 15.14 -29.88
CA ASN A 688 -0.81 15.83 -31.17
C ASN A 688 0.21 16.96 -31.56
N LYS A 689 -0.03 17.53 -32.72
CA LYS A 689 0.39 18.90 -33.21
C LYS A 689 0.43 20.09 -32.16
N SER A 690 -0.57 20.25 -31.25
CA SER A 690 -1.06 21.59 -30.76
C SER A 690 -1.60 21.69 -29.30
N GLY A 691 -2.07 20.61 -28.73
CA GLY A 691 -2.21 20.63 -27.29
C GLY A 691 -3.61 20.43 -26.83
N ALA A 692 -3.84 20.83 -25.61
CA ALA A 692 -5.19 20.96 -25.16
C ALA A 692 -5.89 21.92 -26.16
N PRO A 693 -7.19 21.74 -26.37
CA PRO A 693 -7.88 22.84 -26.98
C PRO A 693 -8.54 23.69 -25.83
N ALA A 694 -9.17 24.85 -26.15
CA ALA A 694 -9.65 25.80 -25.11
C ALA A 694 -10.76 25.07 -24.44
N THR A 695 -11.07 25.34 -23.16
CA THR A 695 -12.16 24.61 -22.47
C THR A 695 -13.43 24.54 -23.26
N SER A 696 -14.43 23.79 -22.84
CA SER A 696 -15.69 23.89 -23.58
C SER A 696 -16.80 23.22 -22.76
N TYR A 697 -18.01 23.15 -23.32
CA TYR A 697 -19.10 22.71 -22.45
C TYR A 697 -18.85 21.22 -22.13
N ARG A 698 -18.58 20.44 -23.18
CA ARG A 698 -18.40 19.02 -22.99
C ARG A 698 -16.87 18.79 -22.95
N PHE A 699 -16.33 19.08 -21.77
CA PHE A 699 -14.89 19.18 -21.66
C PHE A 699 -14.40 17.75 -21.43
N ALA A 700 -15.24 16.95 -20.78
CA ALA A 700 -14.79 15.69 -20.25
C ALA A 700 -14.99 14.74 -21.32
N ILE A 701 -14.36 13.57 -21.14
CA ILE A 701 -14.51 12.42 -22.03
C ILE A 701 -15.69 11.65 -21.47
N GLY A 702 -16.70 11.56 -22.34
CA GLY A 702 -17.91 10.88 -22.06
C GLY A 702 -18.74 11.80 -21.25
N GLY A 703 -19.68 11.26 -20.48
CA GLY A 703 -20.66 12.07 -19.67
C GLY A 703 -22.11 12.36 -20.16
N SER A 704 -23.11 12.17 -19.31
CA SER A 704 -24.46 12.50 -19.70
C SER A 704 -24.89 13.95 -19.44
N ASP A 705 -26.01 14.30 -20.10
CA ASP A 705 -26.54 15.67 -20.06
C ASP A 705 -26.74 16.16 -18.63
N ALA A 706 -27.51 15.38 -17.88
CA ALA A 706 -27.66 15.53 -16.45
C ALA A 706 -26.38 15.89 -15.71
N ASP A 707 -25.33 15.06 -15.89
CA ASP A 707 -24.12 15.21 -15.09
C ASP A 707 -23.20 16.39 -15.55
N TYR A 708 -23.24 16.78 -16.83
CA TYR A 708 -22.38 17.93 -17.24
C TYR A 708 -22.91 19.24 -16.54
N GLN A 709 -24.17 19.19 -16.10
CA GLN A 709 -24.69 20.28 -15.30
C GLN A 709 -24.56 20.06 -13.77
N ASN A 710 -24.61 18.82 -13.30
CA ASN A 710 -24.16 18.53 -11.96
C ASN A 710 -22.72 18.98 -11.81
N ALA A 711 -21.90 18.70 -12.79
CA ALA A 711 -20.51 19.06 -12.65
C ALA A 711 -20.20 20.56 -12.90
N TRP A 712 -20.86 21.17 -13.89
CA TRP A 712 -20.56 22.57 -14.14
C TRP A 712 -21.09 23.58 -13.08
N SER A 713 -22.22 23.27 -12.41
CA SER A 713 -22.80 24.15 -11.34
C SER A 713 -22.28 23.71 -9.98
N SER A 714 -20.95 23.75 -9.89
CA SER A 714 -20.24 23.06 -8.88
C SER A 714 -18.79 23.39 -9.02
N ILE A 715 -18.26 23.03 -10.17
CA ILE A 715 -16.93 23.40 -10.65
C ILE A 715 -17.10 24.84 -11.12
N VAL A 716 -17.80 25.66 -10.31
CA VAL A 716 -18.09 27.15 -10.46
C VAL A 716 -18.03 27.96 -9.08
N GLY A 717 -19.21 27.98 -8.42
CA GLY A 717 -19.48 28.72 -7.16
C GLY A 717 -18.81 27.88 -6.08
N SER B 35 30.40 -1.84 41.42
CA SER B 35 28.95 -1.38 41.17
C SER B 35 28.40 -1.55 39.66
N GLU B 36 27.33 -2.32 39.43
CA GLU B 36 27.07 -2.74 38.01
C GLU B 36 25.65 -2.64 37.39
N ILE B 37 25.53 -1.92 36.27
CA ILE B 37 24.23 -1.78 35.61
C ILE B 37 24.01 -3.07 34.80
N THR B 38 23.00 -3.91 35.15
CA THR B 38 22.71 -5.21 34.41
C THR B 38 21.37 -5.29 33.56
N TYR B 39 21.51 -5.82 32.34
CA TYR B 39 20.35 -6.12 31.49
C TYR B 39 19.35 -6.99 32.30
N SER B 40 18.33 -7.55 31.63
CA SER B 40 17.32 -8.43 32.21
C SER B 40 17.93 -9.77 32.71
N ASP B 41 18.77 -10.39 31.88
CA ASP B 41 19.48 -11.68 32.20
C ASP B 41 20.55 -11.63 33.37
N GLY B 42 21.56 -10.75 33.28
CA GLY B 42 22.75 -10.89 34.07
C GLY B 42 23.90 -9.91 33.78
N THR B 43 24.26 -9.59 32.51
CA THR B 43 25.67 -9.04 32.02
C THR B 43 26.42 -7.70 32.51
N VAL B 44 27.62 -7.85 33.13
CA VAL B 44 28.53 -6.80 33.88
C VAL B 44 28.38 -5.24 33.54
N ASP B 266 24.98 2.68 25.44
CA ASP B 266 25.21 4.16 25.26
C ASP B 266 24.14 5.26 25.44
N TYR B 267 23.03 5.38 24.70
CA TYR B 267 21.85 6.08 25.34
C TYR B 267 21.37 5.25 26.56
N LEU B 268 21.71 3.98 26.45
CA LEU B 268 21.20 2.99 27.28
C LEU B 268 21.87 3.33 28.57
N TYR B 269 23.20 3.45 28.50
CA TYR B 269 23.91 3.84 29.76
C TYR B 269 23.38 5.08 30.53
N PHE B 270 23.24 6.20 29.87
CA PHE B 270 22.82 7.42 30.51
C PHE B 270 21.46 7.43 31.07
N THR B 271 20.64 6.68 30.39
CA THR B 271 19.17 6.66 30.70
C THR B 271 18.87 5.85 31.95
N THR B 272 19.54 4.71 31.96
CA THR B 272 19.65 3.85 33.05
C THR B 272 20.25 4.54 34.31
N LEU B 273 21.50 5.03 34.18
CA LEU B 273 22.19 5.76 35.25
C LEU B 273 21.30 6.79 35.83
N ALA B 274 20.75 7.64 34.98
CA ALA B 274 19.94 8.74 35.41
C ALA B 274 18.77 8.25 36.29
N GLU B 275 18.14 7.12 35.93
CA GLU B 275 16.95 6.75 36.70
C GLU B 275 17.39 6.16 37.97
N ALA B 276 18.46 5.37 37.83
CA ALA B 276 19.08 4.67 38.97
C ALA B 276 19.43 5.83 40.01
N GLN B 277 20.08 6.90 39.55
CA GLN B 277 20.34 7.99 40.41
C GLN B 277 19.13 8.60 41.09
N GLU B 278 18.09 8.75 40.35
CA GLU B 278 16.85 9.17 40.98
C GLU B 278 16.45 8.19 42.07
N ARG B 279 16.63 6.91 41.91
CA ARG B 279 15.95 6.10 42.92
C ARG B 279 16.77 6.19 44.18
N MET B 280 18.12 6.15 44.00
CA MET B 280 19.12 6.19 45.08
C MET B 280 18.80 7.34 45.97
N TYR B 281 18.63 8.44 45.24
CA TYR B 281 18.23 9.67 45.86
C TYR B 281 17.00 9.48 46.78
N ASP B 282 15.87 8.92 46.32
CA ASP B 282 14.77 8.67 47.27
C ASP B 282 15.17 7.74 48.42
N TYR B 283 15.94 6.68 48.14
CA TYR B 283 16.31 5.77 49.22
C TYR B 283 17.21 6.49 50.32
N LEU B 284 18.21 7.33 49.90
CA LEU B 284 19.19 7.95 50.75
C LEU B 284 18.45 8.96 51.58
N ALA B 285 17.64 9.82 50.98
CA ALA B 285 16.81 10.71 51.80
C ALA B 285 16.03 10.04 52.88
N GLN B 286 15.55 8.86 52.56
CA GLN B 286 14.57 8.33 53.46
C GLN B 286 15.29 7.52 54.50
N ARG B 287 16.32 6.74 54.17
CA ARG B 287 17.19 6.08 55.13
C ARG B 287 17.69 7.15 56.15
N ASP B 288 17.94 8.38 55.66
CA ASP B 288 18.44 9.46 56.58
C ASP B 288 17.33 10.22 57.41
N ASN B 289 16.02 10.03 57.18
CA ASN B 289 14.98 10.71 58.03
C ASN B 289 14.87 12.15 57.74
N VAL B 290 15.17 12.43 56.47
CA VAL B 290 15.00 13.74 55.90
C VAL B 290 13.56 13.95 55.58
N SER B 291 12.92 14.93 56.27
CA SER B 291 11.48 15.30 56.12
C SER B 291 11.08 16.15 54.86
N ALA B 292 9.90 15.81 54.27
CA ALA B 292 9.26 16.58 53.18
C ALA B 292 9.59 18.07 53.37
N LYS B 293 9.52 18.61 54.62
CA LYS B 293 10.07 20.00 54.95
C LYS B 293 11.57 20.33 54.49
N GLU B 294 12.62 19.64 55.00
CA GLU B 294 14.04 19.94 54.57
C GLU B 294 14.30 19.63 53.09
N LEU B 295 13.57 18.68 52.59
CA LEU B 295 13.85 18.25 51.26
C LEU B 295 13.37 19.24 50.21
N LYS B 296 12.58 20.25 50.62
CA LYS B 296 12.29 21.30 49.63
C LYS B 296 13.40 22.39 49.44
N ASN B 297 14.40 22.40 50.30
CA ASN B 297 15.55 23.32 50.19
C ASN B 297 16.50 23.13 49.02
N GLU B 298 16.77 24.08 48.15
CA GLU B 298 17.62 23.63 47.00
C GLU B 298 18.96 22.95 47.39
N ALA B 299 19.62 23.50 48.39
CA ALA B 299 20.96 23.04 48.78
C ALA B 299 20.69 21.72 49.55
N THR B 300 21.43 20.65 49.52
CA THR B 300 20.55 19.48 50.21
C THR B 300 20.01 18.64 49.14
N GLN B 301 18.98 19.14 48.47
CA GLN B 301 18.81 18.53 47.16
C GLN B 301 20.09 18.28 46.39
N LYS B 302 20.87 19.35 46.21
CA LYS B 302 22.20 19.30 45.55
C LYS B 302 23.11 18.22 46.29
N PHE B 303 22.98 18.19 47.62
CA PHE B 303 23.78 17.33 48.46
C PHE B 303 23.34 15.87 48.18
N TYR B 304 22.03 15.57 48.36
CA TYR B 304 21.52 14.21 48.00
C TYR B 304 21.68 13.75 46.52
N ARG B 305 21.65 14.70 45.58
CA ARG B 305 21.80 14.23 44.18
C ARG B 305 23.20 13.82 44.09
N ASP B 306 24.08 14.56 44.80
CA ASP B 306 25.49 14.30 44.65
C ASP B 306 25.87 13.07 45.47
N LEU B 307 25.21 12.84 46.59
CA LEU B 307 25.48 11.69 47.41
C LEU B 307 25.01 10.47 46.62
N ALA B 308 23.72 10.43 46.20
CA ALA B 308 23.16 9.36 45.18
C ALA B 308 24.18 9.09 44.05
N ALA B 309 24.59 10.19 43.39
CA ALA B 309 25.55 9.97 42.28
C ALA B 309 26.78 9.16 42.77
N LYS B 310 27.29 9.48 43.97
CA LYS B 310 28.52 8.86 44.47
C LYS B 310 28.29 7.48 45.04
N GLU B 311 27.13 7.26 45.60
CA GLU B 311 26.86 5.96 46.06
C GLU B 311 26.90 5.00 44.88
N ILE B 312 26.20 5.32 43.78
CA ILE B 312 26.25 4.42 42.67
C ILE B 312 27.68 4.25 42.10
N GLU B 313 28.42 5.30 41.74
CA GLU B 313 29.74 5.01 41.09
C GLU B 313 30.76 4.37 41.96
N ASN B 314 30.52 4.26 43.25
CA ASN B 314 31.60 3.64 44.02
C ASN B 314 31.26 2.64 45.15
N GLY B 315 29.97 2.24 45.23
CA GLY B 315 29.44 1.45 46.31
C GLY B 315 29.06 0.04 45.90
N GLY B 316 29.37 -0.48 44.71
CA GLY B 316 28.93 -1.96 44.44
C GLY B 316 27.41 -2.44 44.45
N TYR B 317 26.44 -1.52 44.21
CA TYR B 317 25.06 -1.88 44.01
C TYR B 317 24.89 -2.63 42.68
N LYS B 318 23.87 -3.50 42.55
CA LYS B 318 23.49 -4.33 41.40
C LYS B 318 22.17 -3.68 41.03
N ILE B 319 22.09 -3.16 39.85
CA ILE B 319 20.94 -2.50 39.33
C ILE B 319 20.37 -3.47 38.33
N THR B 320 19.12 -3.81 38.46
CA THR B 320 18.53 -4.70 37.53
C THR B 320 17.52 -3.90 36.60
N THR B 321 17.72 -3.86 35.26
CA THR B 321 16.80 -3.12 34.34
C THR B 321 15.90 -4.11 33.56
N THR B 322 14.83 -3.60 32.93
CA THR B 322 13.93 -4.42 32.22
C THR B 322 14.55 -4.79 30.91
N ILE B 323 15.60 -4.08 30.47
CA ILE B 323 16.04 -4.11 29.09
C ILE B 323 16.57 -5.48 28.68
N ASP B 324 16.19 -5.97 27.50
CA ASP B 324 16.54 -7.35 27.09
C ASP B 324 17.70 -7.20 26.18
N GLN B 325 18.79 -7.87 26.42
CA GLN B 325 19.99 -7.54 25.73
C GLN B 325 20.11 -7.91 24.23
N LYS B 326 19.79 -9.20 23.88
CA LYS B 326 19.77 -9.68 22.49
C LYS B 326 18.91 -8.61 21.69
N ILE B 327 17.72 -8.33 22.22
CA ILE B 327 16.76 -7.49 21.55
C ILE B 327 17.20 -6.08 21.52
N HIS B 328 17.81 -5.52 22.58
CA HIS B 328 18.17 -4.14 22.44
C HIS B 328 19.43 -3.99 21.50
N SER B 329 20.42 -4.93 21.47
CA SER B 329 21.49 -4.71 20.42
C SER B 329 20.91 -4.86 19.01
N ALA B 330 19.97 -5.80 18.88
CA ALA B 330 19.44 -5.99 17.53
C ALA B 330 18.72 -4.73 17.15
N MET B 331 18.06 -4.03 18.10
CA MET B 331 17.50 -2.69 17.75
C MET B 331 18.64 -1.76 17.37
N GLN B 332 19.81 -1.76 18.08
CA GLN B 332 20.95 -0.92 17.56
C GLN B 332 21.48 -1.17 16.14
N SER B 333 21.65 -2.45 15.77
CA SER B 333 22.12 -2.81 14.39
C SER B 333 21.14 -2.46 13.35
N ALA B 334 19.90 -2.68 13.69
CA ALA B 334 18.90 -2.35 12.79
C ALA B 334 18.91 -0.88 12.49
N VAL B 335 18.87 -0.06 13.57
CA VAL B 335 19.05 1.38 13.22
C VAL B 335 20.36 1.73 12.42
N ALA B 336 21.49 1.08 12.66
CA ALA B 336 22.74 1.24 11.85
C ALA B 336 22.69 0.74 10.46
N ASP B 337 22.06 -0.37 10.13
CA ASP B 337 22.01 -0.68 8.64
C ASP B 337 20.87 -0.09 7.95
N TYR B 338 19.80 0.14 8.69
CA TYR B 338 18.55 0.46 8.01
C TYR B 338 18.16 1.96 8.15
N GLY B 339 18.96 2.74 8.97
CA GLY B 339 18.59 4.14 9.26
C GLY B 339 18.59 5.03 8.03
N TYR B 340 19.50 4.79 7.14
CA TYR B 340 19.47 5.51 5.81
C TYR B 340 18.16 5.41 5.05
N LEU B 341 17.39 4.32 5.24
CA LEU B 341 16.09 4.31 4.63
C LEU B 341 15.25 5.43 5.13
N LEU B 342 15.43 6.03 6.32
CA LEU B 342 14.54 7.18 6.65
C LEU B 342 14.99 8.45 5.94
N ASP B 343 16.22 8.51 5.44
CA ASP B 343 16.62 9.84 4.83
C ASP B 343 15.77 10.22 3.64
N ASP B 344 15.02 11.26 3.63
CA ASP B 344 14.16 11.38 2.43
C ASP B 344 14.46 12.56 1.55
N GLY B 345 15.59 13.23 1.62
CA GLY B 345 15.70 14.40 0.74
C GLY B 345 15.60 15.65 1.64
N THR B 346 15.40 15.52 2.96
CA THR B 346 15.20 16.72 3.74
C THR B 346 16.29 16.91 4.84
N GLY B 347 17.49 16.43 4.51
CA GLY B 347 18.64 16.24 5.41
C GLY B 347 18.50 14.96 6.23
N ARG B 348 19.53 14.63 6.97
CA ARG B 348 19.48 13.51 7.81
C ARG B 348 18.20 13.60 8.74
N VAL B 349 17.45 12.46 8.78
CA VAL B 349 16.24 12.35 9.53
C VAL B 349 16.46 11.72 10.80
N GLU B 350 15.93 12.25 11.91
CA GLU B 350 16.26 11.62 13.24
C GLU B 350 15.11 10.60 13.70
N VAL B 351 15.28 9.79 14.82
CA VAL B 351 14.36 8.75 15.09
C VAL B 351 14.25 8.31 16.58
N GLY B 352 13.05 7.88 16.97
CA GLY B 352 13.04 7.34 18.26
C GLY B 352 12.10 6.14 18.24
N ASN B 353 12.59 5.02 18.81
CA ASN B 353 11.62 3.97 19.11
C ASN B 353 11.66 3.43 20.54
N VAL B 354 10.54 2.84 20.96
CA VAL B 354 10.53 2.22 22.21
C VAL B 354 9.63 0.93 22.15
N LEU B 355 10.12 -0.20 22.73
CA LEU B 355 9.50 -1.47 22.67
C LEU B 355 9.21 -1.87 24.08
N MET B 356 7.99 -2.35 24.35
CA MET B 356 7.47 -2.41 25.60
C MET B 356 6.57 -3.56 25.67
N ASP B 357 6.68 -4.35 26.68
CA ASP B 357 5.82 -5.42 27.05
C ASP B 357 4.46 -5.00 27.49
N ASN B 358 3.43 -5.28 26.71
CA ASN B 358 2.05 -5.00 27.19
C ASN B 358 1.64 -5.58 28.61
N GLN B 359 2.25 -6.60 29.19
CA GLN B 359 1.61 -7.03 30.45
C GLN B 359 2.20 -6.33 31.68
N THR B 360 3.34 -5.65 31.45
CA THR B 360 4.08 -5.15 32.55
C THR B 360 4.52 -3.68 32.41
N GLY B 361 4.57 -3.08 31.24
CA GLY B 361 5.11 -1.72 31.23
C GLY B 361 6.57 -1.90 31.03
N ALA B 362 7.15 -3.05 31.27
CA ALA B 362 8.63 -3.14 30.97
C ALA B 362 9.05 -2.68 29.61
N ILE B 363 10.15 -1.99 29.53
CA ILE B 363 10.66 -1.58 28.32
C ILE B 363 11.88 -2.48 27.88
N LEU B 364 11.69 -3.28 26.81
CA LEU B 364 12.65 -4.24 26.48
C LEU B 364 13.82 -3.70 25.69
N GLY B 365 13.64 -2.66 24.88
CA GLY B 365 14.80 -2.17 24.07
C GLY B 365 14.29 -0.82 23.50
N PHE B 366 15.12 0.01 22.90
CA PHE B 366 14.59 1.24 22.36
C PHE B 366 15.62 1.79 21.42
N VAL B 367 15.29 2.83 20.65
CA VAL B 367 16.28 3.56 19.85
C VAL B 367 16.35 5.03 20.20
N GLY B 368 17.53 5.56 20.58
CA GLY B 368 17.66 6.97 21.04
C GLY B 368 17.84 7.88 19.87
N GLY B 369 18.52 7.42 18.79
CA GLY B 369 18.57 8.21 17.51
C GLY B 369 19.41 7.53 16.41
N ARG B 370 19.74 8.18 15.32
CA ARG B 370 20.62 7.51 14.37
C ARG B 370 21.98 7.00 14.86
N ASN B 371 22.57 7.67 15.81
CA ASN B 371 24.00 7.49 16.15
C ASN B 371 24.42 8.31 17.36
N TYR B 372 24.47 7.70 18.53
CA TYR B 372 24.89 8.45 19.69
C TYR B 372 26.13 9.28 19.41
N GLN B 373 27.12 8.70 18.72
CA GLN B 373 28.33 9.49 18.56
C GLN B 373 28.14 10.80 17.81
N GLU B 374 27.30 10.90 16.77
CA GLU B 374 27.11 12.18 16.03
C GLU B 374 26.08 13.06 16.71
N ASN B 375 25.28 12.48 17.61
CA ASN B 375 24.09 13.27 18.15
C ASN B 375 23.54 12.66 19.42
N GLN B 376 23.56 13.36 20.51
CA GLN B 376 23.19 12.71 21.78
C GLN B 376 21.74 12.79 22.30
N ASN B 377 20.88 13.61 21.67
CA ASN B 377 19.55 13.75 22.14
C ASN B 377 18.85 12.47 22.04
N ASN B 378 18.30 12.13 23.21
CA ASN B 378 17.56 10.93 23.32
C ASN B 378 16.16 11.09 22.83
N HIS B 379 15.91 10.66 21.57
CA HIS B 379 14.56 10.64 20.96
C HIS B 379 13.56 9.62 21.47
N ALA B 380 13.97 8.76 22.33
CA ALA B 380 13.03 7.81 22.76
C ALA B 380 12.45 8.34 24.08
N PHE B 381 13.32 8.99 24.88
CA PHE B 381 12.89 9.41 26.24
C PHE B 381 12.75 10.96 26.59
N ASP B 382 13.45 11.82 25.85
CA ASP B 382 13.54 13.26 26.09
C ASP B 382 12.81 14.04 24.97
N THR B 383 13.00 13.84 23.64
CA THR B 383 12.30 14.75 22.83
C THR B 383 10.78 14.66 22.93
N LYS B 384 10.06 15.80 22.93
CA LYS B 384 8.66 15.71 22.99
C LYS B 384 8.10 16.30 21.77
N ARG B 385 7.03 15.71 21.16
CA ARG B 385 6.44 16.23 19.91
C ARG B 385 4.94 15.98 19.79
N SER B 386 4.24 16.76 19.01
CA SER B 386 2.87 16.47 18.96
C SER B 386 2.65 15.06 18.35
N PRO B 387 1.83 14.25 18.97
CA PRO B 387 1.51 12.95 18.32
C PRO B 387 0.54 12.93 17.08
N ALA B 388 0.03 14.09 16.59
CA ALA B 388 -0.90 14.26 15.50
C ALA B 388 -1.97 13.24 15.61
N SER B 389 -2.32 12.55 14.49
CA SER B 389 -3.56 11.67 14.49
C SER B 389 -3.52 10.47 15.40
N THR B 390 -2.32 10.06 15.90
CA THR B 390 -2.29 8.88 16.80
C THR B 390 -2.89 9.22 18.15
N THR B 391 -3.39 10.47 18.32
CA THR B 391 -4.10 10.83 19.51
C THR B 391 -5.48 10.35 19.39
N LYS B 392 -6.01 10.30 18.20
CA LYS B 392 -7.48 10.08 18.23
C LYS B 392 -7.97 8.77 18.82
N PRO B 393 -7.27 7.60 18.66
CA PRO B 393 -7.80 6.42 19.37
C PRO B 393 -7.96 6.65 20.80
N LEU B 394 -7.03 7.40 21.33
CA LEU B 394 -7.04 7.32 22.80
C LEU B 394 -8.05 8.34 23.40
N LEU B 395 -8.11 9.47 22.70
CA LEU B 395 -8.60 10.64 23.39
C LEU B 395 -10.04 10.81 22.90
N ALA B 396 -10.30 10.34 21.72
CA ALA B 396 -11.52 10.73 21.11
C ALA B 396 -12.40 9.51 20.99
N TYR B 397 -12.18 8.60 20.05
CA TYR B 397 -13.00 7.38 19.92
C TYR B 397 -12.89 6.34 21.01
N GLY B 398 -11.72 5.97 21.49
CA GLY B 398 -11.87 4.98 22.49
C GLY B 398 -12.66 5.59 23.65
N ILE B 399 -12.56 6.86 23.88
CA ILE B 399 -13.34 7.33 25.02
C ILE B 399 -14.85 7.36 24.72
N ALA B 400 -15.20 7.79 23.53
CA ALA B 400 -16.60 7.89 23.28
C ALA B 400 -17.18 6.48 23.34
N ILE B 401 -16.50 5.54 22.71
CA ILE B 401 -17.02 4.22 22.69
C ILE B 401 -17.11 3.87 24.13
N ASP B 402 -16.07 4.20 24.89
CA ASP B 402 -16.02 3.62 26.24
C ASP B 402 -17.16 4.16 27.01
N GLN B 403 -17.65 5.35 26.67
CA GLN B 403 -18.76 5.95 27.39
C GLN B 403 -20.18 5.57 26.88
N GLY B 404 -20.23 4.62 25.96
CA GLY B 404 -21.49 4.21 25.35
C GLY B 404 -21.99 5.22 24.34
N LEU B 405 -21.21 6.23 23.99
CA LEU B 405 -21.72 7.13 22.96
C LEU B 405 -21.41 6.69 21.57
N MET B 406 -20.79 5.51 21.36
CA MET B 406 -20.64 4.99 19.96
C MET B 406 -20.24 3.52 19.94
N GLY B 407 -20.27 2.95 18.73
CA GLY B 407 -20.18 1.52 18.61
C GLY B 407 -19.34 1.32 17.41
N SER B 408 -18.84 0.11 17.10
CA SER B 408 -17.88 0.00 15.96
C SER B 408 -18.33 0.54 14.60
N GLU B 409 -19.65 0.51 14.35
CA GLU B 409 -20.08 0.91 12.96
C GLU B 409 -20.89 2.14 12.87
N THR B 410 -20.85 2.98 13.93
CA THR B 410 -21.58 4.19 14.01
C THR B 410 -21.15 5.08 12.86
N ILE B 411 -21.93 6.16 12.62
CA ILE B 411 -21.60 7.10 11.52
C ILE B 411 -21.13 8.44 12.12
N LEU B 412 -20.31 9.16 11.36
CA LEU B 412 -19.70 10.38 11.71
C LEU B 412 -19.72 11.34 10.50
N SER B 413 -19.77 12.63 10.79
CA SER B 413 -19.86 13.53 9.68
C SER B 413 -18.53 13.95 9.32
N ASN B 414 -18.22 13.77 8.05
CA ASN B 414 -17.10 14.43 7.43
C ASN B 414 -17.52 15.55 6.49
N TYR B 415 -18.63 16.24 6.80
CA TYR B 415 -18.96 17.46 5.95
C TYR B 415 -18.12 18.64 6.32
N PRO B 416 -17.75 19.45 5.30
CA PRO B 416 -16.87 20.64 5.47
C PRO B 416 -17.39 21.34 6.68
N THR B 417 -16.51 21.88 7.50
CA THR B 417 -17.07 22.57 8.63
C THR B 417 -15.92 23.35 9.16
N ASN B 418 -16.19 24.26 10.07
CA ASN B 418 -15.13 25.19 10.44
C ASN B 418 -14.69 25.17 11.89
N PHE B 419 -13.44 25.56 12.12
CA PHE B 419 -13.11 25.82 13.52
C PHE B 419 -13.91 27.02 14.08
N ALA B 420 -13.76 27.14 15.38
CA ALA B 420 -14.47 28.21 16.05
C ALA B 420 -13.96 29.59 15.61
N ASN B 421 -12.73 29.62 15.14
CA ASN B 421 -12.17 30.84 14.70
C ASN B 421 -12.46 31.04 13.17
N GLY B 422 -13.44 30.33 12.60
CA GLY B 422 -13.73 30.64 11.20
C GLY B 422 -12.97 29.82 10.19
N ASN B 423 -11.66 29.55 10.39
CA ASN B 423 -10.88 28.64 9.44
C ASN B 423 -11.47 27.24 9.06
N PRO B 424 -11.21 26.76 7.83
CA PRO B 424 -11.86 25.40 7.65
C PRO B 424 -10.90 24.33 8.06
N ILE B 425 -11.55 23.22 8.29
CA ILE B 425 -10.92 22.04 8.85
C ILE B 425 -10.48 21.10 7.73
N MET B 426 -9.17 21.04 7.49
CA MET B 426 -8.58 20.35 6.38
C MET B 426 -8.17 18.92 6.72
N TYR B 427 -8.09 18.08 5.69
CA TYR B 427 -7.41 16.82 5.75
C TYR B 427 -6.58 17.01 4.57
N ALA B 428 -5.30 17.32 4.71
CA ALA B 428 -4.42 17.50 3.53
C ALA B 428 -4.99 18.68 2.74
N ASN B 429 -5.51 18.32 1.54
CA ASN B 429 -6.17 19.28 0.68
C ASN B 429 -7.66 19.28 0.59
N SER B 430 -8.33 18.29 1.15
CA SER B 430 -9.79 18.26 1.12
C SER B 430 -10.47 19.09 2.21
N LYS B 431 -11.59 19.69 1.90
CA LYS B 431 -12.34 20.44 2.88
C LYS B 431 -13.30 19.52 3.50
N GLY B 432 -13.30 18.26 3.06
CA GLY B 432 -14.23 17.30 3.63
C GLY B 432 -15.06 16.55 2.61
N THR B 433 -15.90 15.60 3.02
CA THR B 433 -16.72 14.88 2.03
C THR B 433 -18.16 14.71 2.49
N GLY B 434 -18.60 13.47 2.68
CA GLY B 434 -19.91 13.26 3.32
C GLY B 434 -19.91 12.55 4.67
N MET B 435 -20.91 11.67 4.93
CA MET B 435 -20.93 10.80 6.11
C MET B 435 -20.08 9.57 5.88
N MET B 436 -19.79 8.78 6.93
CA MET B 436 -18.79 7.65 6.85
C MET B 436 -18.73 6.87 8.14
N THR B 437 -18.23 5.65 8.10
CA THR B 437 -18.20 4.81 9.33
C THR B 437 -17.01 5.12 10.24
N LEU B 438 -17.06 4.65 11.47
CA LEU B 438 -15.85 4.76 12.30
C LEU B 438 -14.67 4.15 11.51
N GLY B 439 -14.83 2.90 11.03
CA GLY B 439 -13.79 2.25 10.20
C GLY B 439 -13.13 3.24 9.26
N GLU B 440 -13.95 3.96 8.53
CA GLU B 440 -13.35 4.71 7.42
C GLU B 440 -12.65 5.97 8.01
N ALA B 441 -13.24 6.46 9.08
CA ALA B 441 -12.74 7.63 9.71
C ALA B 441 -11.28 7.24 10.12
N LEU B 442 -11.11 6.09 10.78
CA LEU B 442 -9.78 5.62 11.28
C LEU B 442 -8.84 5.30 10.17
N ASN B 443 -9.33 4.58 9.16
CA ASN B 443 -8.38 4.09 8.18
C ASN B 443 -7.82 5.24 7.41
N TYR B 444 -8.59 6.25 7.05
CA TYR B 444 -8.01 7.38 6.33
C TYR B 444 -7.43 8.38 7.37
N SER B 445 -7.97 8.36 8.59
CA SER B 445 -7.66 9.39 9.57
C SER B 445 -8.18 10.75 9.18
N TRP B 446 -9.39 10.81 8.68
CA TRP B 446 -10.09 12.06 8.43
C TRP B 446 -10.17 12.84 9.73
N ASN B 447 -9.96 14.15 9.67
CA ASN B 447 -10.05 15.00 10.87
C ASN B 447 -11.43 15.41 11.47
N ILE B 448 -12.36 15.67 10.57
CA ILE B 448 -13.65 16.22 11.02
C ILE B 448 -14.36 15.31 12.02
N PRO B 449 -14.46 13.98 11.70
CA PRO B 449 -15.20 13.09 12.57
C PRO B 449 -14.60 13.12 13.97
N ALA B 450 -13.29 13.38 14.02
CA ALA B 450 -12.66 13.24 15.36
C ALA B 450 -12.95 14.56 16.12
N TYR B 451 -12.79 15.67 15.38
CA TYR B 451 -13.24 16.94 15.82
C TYR B 451 -14.65 16.81 16.49
N TRP B 452 -15.58 16.21 15.73
CA TRP B 452 -16.97 16.02 16.18
C TRP B 452 -17.06 15.11 17.35
N THR B 453 -16.10 14.22 17.51
CA THR B 453 -16.26 13.25 18.58
C THR B 453 -15.83 13.88 19.86
N TYR B 454 -14.71 14.61 19.77
CA TYR B 454 -14.25 15.22 21.00
C TYR B 454 -15.28 16.35 21.42
N ARG B 455 -15.70 17.18 20.46
CA ARG B 455 -16.80 18.14 20.68
C ARG B 455 -18.07 17.43 21.31
N MET B 456 -18.44 16.29 20.83
CA MET B 456 -19.39 15.61 21.60
C MET B 456 -18.87 15.38 22.99
N LEU B 457 -17.64 14.95 23.20
CA LEU B 457 -17.30 14.57 24.59
C LEU B 457 -17.44 15.76 25.59
N ARG B 458 -16.89 16.90 25.23
CA ARG B 458 -17.19 18.16 25.90
C ARG B 458 -18.77 18.36 26.16
N GLU B 459 -19.58 18.27 25.10
CA GLU B 459 -20.97 18.59 25.30
C GLU B 459 -21.49 17.76 26.42
N ASN B 460 -21.08 16.49 26.57
CA ASN B 460 -21.55 15.62 27.73
C ASN B 460 -20.77 15.75 29.04
N GLY B 461 -19.87 16.74 29.05
CA GLY B 461 -18.86 16.94 30.08
C GLY B 461 -18.19 15.64 30.47
N VAL B 462 -17.71 14.84 29.52
CA VAL B 462 -17.05 13.65 29.98
C VAL B 462 -15.72 13.98 30.66
N ASP B 463 -15.40 13.24 31.72
CA ASP B 463 -14.12 13.36 32.41
C ASP B 463 -12.87 12.82 31.65
N VAL B 464 -12.44 13.55 30.60
CA VAL B 464 -11.39 13.08 29.70
C VAL B 464 -10.01 13.08 30.37
N LYS B 465 -9.59 14.25 30.89
CA LYS B 465 -8.43 14.41 31.80
C LYS B 465 -8.26 13.14 32.64
N GLY B 466 -9.32 12.67 33.26
CA GLY B 466 -9.24 11.39 34.00
C GLY B 466 -8.74 10.12 33.20
N TYR B 467 -9.16 9.95 31.94
CA TYR B 467 -8.48 8.93 31.11
C TYR B 467 -7.01 9.20 30.87
N MET B 468 -6.66 10.42 30.42
CA MET B 468 -5.29 10.70 29.98
C MET B 468 -4.31 10.67 31.13
N GLU B 469 -4.70 11.24 32.24
CA GLU B 469 -3.87 11.17 33.44
C GLU B 469 -3.81 9.75 34.02
N LYS B 470 -4.83 8.88 33.82
CA LYS B 470 -4.70 7.54 34.36
C LYS B 470 -3.53 6.88 33.56
N MET B 471 -3.23 7.29 32.29
CA MET B 471 -2.07 6.72 31.53
C MET B 471 -0.84 7.57 31.63
N GLY B 472 -0.86 8.54 32.51
CA GLY B 472 0.34 9.42 32.62
C GLY B 472 0.50 10.60 31.66
N TYR B 473 -0.54 10.90 30.92
CA TYR B 473 -0.36 12.04 30.00
C TYR B 473 -0.57 13.34 30.75
N GLU B 474 0.23 14.30 30.29
CA GLU B 474 0.22 15.68 30.73
C GLU B 474 -0.34 16.69 29.74
N ILE B 475 -1.62 17.01 29.79
CA ILE B 475 -2.13 18.02 28.81
C ILE B 475 -2.63 19.28 29.56
N PRO B 476 -2.18 20.47 29.13
CA PRO B 476 -2.47 21.60 29.96
C PRO B 476 -3.84 22.18 29.68
N GLU B 477 -4.45 22.00 28.48
CA GLU B 477 -5.70 22.71 28.22
C GLU B 477 -6.67 21.73 27.53
N TYR B 478 -7.57 21.11 28.22
CA TYR B 478 -8.35 20.13 27.50
C TYR B 478 -9.33 20.69 26.52
N GLY B 479 -9.33 22.02 26.32
CA GLY B 479 -10.52 22.64 25.67
C GLY B 479 -10.28 23.01 24.20
N ILE B 480 -9.02 22.79 23.76
CA ILE B 480 -8.49 23.00 22.40
C ILE B 480 -9.42 22.36 21.36
N GLU B 481 -9.84 23.06 20.31
CA GLU B 481 -10.74 22.27 19.52
C GLU B 481 -9.95 21.13 18.83
N SER B 482 -8.66 21.33 18.45
CA SER B 482 -7.86 20.35 17.69
C SER B 482 -7.14 19.28 18.48
N LEU B 483 -7.56 19.06 19.72
CA LEU B 483 -6.89 18.14 20.62
C LEU B 483 -6.80 16.75 20.06
N PRO B 484 -7.94 16.15 19.72
CA PRO B 484 -7.95 14.82 19.14
C PRO B 484 -6.98 14.78 18.01
N MET B 485 -6.85 15.83 17.20
CA MET B 485 -5.70 15.79 16.17
C MET B 485 -4.27 16.08 16.69
N GLY B 486 -4.17 16.25 18.00
CA GLY B 486 -2.91 16.43 18.66
C GLY B 486 -2.41 17.86 18.73
N GLY B 487 -3.29 18.87 18.54
CA GLY B 487 -2.94 20.24 18.94
C GLY B 487 -2.94 20.28 20.46
N GLY B 488 -2.03 21.05 21.07
CA GLY B 488 -2.03 21.25 22.49
C GLY B 488 -1.47 20.07 23.23
N ILE B 489 -0.88 19.07 22.53
CA ILE B 489 -0.34 17.85 23.24
C ILE B 489 1.06 17.70 22.80
N GLU B 490 1.92 17.30 23.69
CA GLU B 490 3.24 16.98 23.27
C GLU B 490 3.82 15.87 24.12
N VAL B 491 4.32 14.79 23.49
CA VAL B 491 4.73 13.53 24.26
C VAL B 491 6.05 12.98 23.83
N THR B 492 6.66 12.16 24.68
CA THR B 492 7.88 11.48 24.29
C THR B 492 7.47 10.14 23.69
N VAL B 493 8.32 9.49 22.95
CA VAL B 493 7.93 8.22 22.34
C VAL B 493 7.58 7.20 23.44
N ALA B 494 8.36 7.18 24.50
CA ALA B 494 8.13 6.26 25.54
C ALA B 494 6.81 6.47 26.18
N GLN B 495 6.43 7.72 26.53
CA GLN B 495 5.12 7.85 27.29
C GLN B 495 4.00 7.45 26.32
N HIS B 496 4.17 7.73 25.05
CA HIS B 496 3.07 7.53 24.20
C HIS B 496 2.86 6.03 23.91
N THR B 497 4.00 5.35 23.74
CA THR B 497 4.02 3.93 23.52
C THR B 497 3.20 3.43 24.68
N ASN B 498 3.27 4.09 25.85
CA ASN B 498 2.56 3.55 27.07
C ASN B 498 1.06 3.65 26.92
N GLY B 499 0.61 4.60 26.12
CA GLY B 499 -0.86 4.73 26.00
C GLY B 499 -1.36 3.67 25.01
N TYR B 500 -0.47 3.25 24.13
CA TYR B 500 -0.86 2.15 23.19
C TYR B 500 -0.75 0.85 23.99
N GLN B 501 0.13 0.80 25.02
CA GLN B 501 0.26 -0.43 25.87
C GLN B 501 -1.17 -0.70 26.37
N THR B 502 -1.73 0.37 26.88
CA THR B 502 -3.06 0.33 27.46
C THR B 502 -4.14 -0.24 26.61
N LEU B 503 -4.37 0.32 25.41
CA LEU B 503 -5.40 -0.31 24.58
C LEU B 503 -5.00 -1.77 24.28
N ALA B 504 -3.70 -2.07 24.05
CA ALA B 504 -3.37 -3.45 23.62
C ALA B 504 -3.48 -4.47 24.80
N ASN B 505 -3.41 -4.03 26.05
CA ASN B 505 -3.45 -4.95 27.12
C ASN B 505 -4.89 -4.88 27.60
N ASN B 506 -5.83 -4.95 26.67
CA ASN B 506 -7.21 -4.89 27.08
C ASN B 506 -7.66 -3.77 28.01
N GLY B 507 -7.16 -2.60 27.79
CA GLY B 507 -7.58 -1.49 28.47
C GLY B 507 -6.86 -1.22 29.76
N VAL B 508 -5.99 -2.12 30.20
CA VAL B 508 -5.30 -2.04 31.52
C VAL B 508 -3.89 -1.48 31.49
N TYR B 509 -3.68 -0.33 32.13
CA TYR B 509 -2.42 0.38 31.96
C TYR B 509 -1.42 -0.18 32.93
N HIS B 510 -0.13 -0.32 32.58
CA HIS B 510 0.97 -0.67 33.56
C HIS B 510 2.00 0.40 33.23
N GLN B 511 2.62 1.00 34.22
CA GLN B 511 3.43 2.15 33.90
C GLN B 511 4.78 1.75 33.31
N LYS B 512 5.20 2.52 32.32
CA LYS B 512 6.59 2.30 31.74
C LYS B 512 7.75 2.23 32.79
N HIS B 513 8.73 1.35 32.64
CA HIS B 513 9.87 1.44 33.57
C HIS B 513 10.96 0.73 32.87
N VAL B 514 12.15 1.27 33.04
CA VAL B 514 13.37 0.61 32.67
C VAL B 514 14.03 0.00 33.89
N ILE B 515 13.96 0.52 35.13
CA ILE B 515 14.74 -0.09 36.19
C ILE B 515 13.78 -1.07 36.84
N SER B 516 14.20 -2.29 37.23
CA SER B 516 13.24 -3.07 38.08
C SER B 516 13.68 -3.31 39.53
N LYS B 517 14.97 -3.24 39.82
CA LYS B 517 15.35 -3.49 41.22
C LYS B 517 16.72 -2.86 41.49
N ILE B 518 16.97 -2.35 42.68
CA ILE B 518 18.35 -2.01 43.01
C ILE B 518 18.64 -2.60 44.42
N GLU B 519 19.77 -3.27 44.51
CA GLU B 519 20.15 -4.05 45.70
C GLU B 519 21.52 -3.54 46.08
N ALA B 520 21.74 -3.58 47.39
CA ALA B 520 23.01 -3.26 47.95
C ALA B 520 23.82 -4.59 47.78
N ALA B 521 25.16 -4.48 47.57
CA ALA B 521 26.03 -5.74 47.61
C ALA B 521 25.60 -6.88 48.57
N ASP B 522 24.73 -6.68 49.59
CA ASP B 522 24.47 -7.75 50.52
C ASP B 522 22.96 -8.17 50.44
N GLY B 523 22.29 -7.68 49.38
CA GLY B 523 20.86 -7.99 49.20
C GLY B 523 19.92 -7.00 49.84
N ARG B 524 20.35 -6.06 50.66
CA ARG B 524 19.26 -5.22 51.12
C ARG B 524 18.66 -4.52 49.93
N VAL B 525 17.34 -4.45 49.95
CA VAL B 525 16.69 -3.89 48.79
C VAL B 525 16.53 -2.37 48.90
N VAL B 526 17.15 -1.60 48.01
CA VAL B 526 17.06 -0.18 47.99
C VAL B 526 15.88 0.26 47.24
N TYR B 527 15.51 -0.47 46.20
CA TYR B 527 14.39 -0.05 45.32
C TYR B 527 13.72 -1.19 44.44
N GLU B 528 12.39 -1.22 44.38
CA GLU B 528 11.74 -2.28 43.56
C GLU B 528 10.53 -1.70 42.93
N TYR B 529 10.47 -1.84 41.59
CA TYR B 529 9.33 -1.45 40.79
C TYR B 529 8.14 -2.15 41.43
N GLN B 530 7.05 -1.48 41.73
CA GLN B 530 5.84 -2.17 42.30
C GLN B 530 4.67 -1.95 41.33
N ASP B 531 4.18 -3.04 40.73
CA ASP B 531 3.04 -2.87 39.76
C ASP B 531 1.76 -2.10 40.30
N LYS B 532 1.44 -0.89 39.80
CA LYS B 532 0.14 -0.20 40.09
C LYS B 532 -0.78 -0.22 38.77
N PRO B 533 -1.35 -1.40 38.35
CA PRO B 533 -2.27 -1.59 37.19
C PRO B 533 -3.58 -0.87 37.45
N VAL B 534 -4.26 -0.37 36.42
CA VAL B 534 -5.39 0.54 36.51
C VAL B 534 -6.13 0.33 35.17
N GLN B 535 -7.39 -0.06 35.31
CA GLN B 535 -8.32 -0.35 34.18
C GLN B 535 -8.73 1.00 33.56
N VAL B 536 -8.25 1.45 32.39
CA VAL B 536 -8.54 2.82 31.88
C VAL B 536 -9.82 2.84 31.10
N TYR B 537 -9.95 1.90 30.21
CA TYR B 537 -11.02 1.69 29.24
C TYR B 537 -11.70 0.37 29.64
N SER B 538 -13.00 0.15 29.46
CA SER B 538 -13.38 -1.29 29.71
C SER B 538 -12.70 -2.25 28.74
N LYS B 539 -12.61 -3.51 29.17
CA LYS B 539 -12.27 -4.65 28.27
C LYS B 539 -13.08 -4.63 26.91
N ALA B 540 -14.33 -4.18 26.96
CA ALA B 540 -15.04 -4.12 25.69
C ALA B 540 -14.42 -3.08 24.78
N THR B 541 -14.21 -1.89 25.29
CA THR B 541 -13.74 -0.82 24.46
C THR B 541 -12.34 -1.19 23.88
N ALA B 542 -11.47 -1.72 24.73
CA ALA B 542 -10.08 -1.96 24.19
C ALA B 542 -10.20 -2.99 23.11
N THR B 543 -11.05 -4.00 23.24
CA THR B 543 -11.09 -5.04 22.17
C THR B 543 -11.78 -4.48 20.91
N ILE B 544 -12.78 -3.64 21.19
CA ILE B 544 -13.46 -3.16 20.01
C ILE B 544 -12.41 -2.30 19.28
N MET B 545 -11.73 -1.41 20.04
CA MET B 545 -10.67 -0.66 19.47
C MET B 545 -9.48 -1.47 18.83
N GLN B 546 -9.12 -2.62 19.38
CA GLN B 546 -8.11 -3.50 18.70
C GLN B 546 -8.64 -3.82 17.29
N GLY B 547 -9.88 -4.31 17.18
CA GLY B 547 -10.49 -4.59 15.89
C GLY B 547 -10.38 -3.47 14.93
N LEU B 548 -10.66 -2.21 15.28
CA LEU B 548 -10.46 -1.07 14.35
C LEU B 548 -9.03 -0.93 14.02
N LEU B 549 -8.23 -1.13 15.02
CA LEU B 549 -6.80 -0.78 14.69
C LEU B 549 -6.15 -1.89 13.79
N ARG B 550 -6.77 -3.06 13.68
CA ARG B 550 -6.27 -4.05 12.73
C ARG B 550 -6.61 -3.64 11.39
N GLU B 551 -7.83 -3.10 11.21
CA GLU B 551 -8.14 -2.63 9.83
C GLU B 551 -7.28 -1.43 9.45
N VAL B 552 -6.97 -0.54 10.45
CA VAL B 552 -6.11 0.58 10.10
C VAL B 552 -4.90 0.10 9.33
N LEU B 553 -4.14 -0.84 9.87
CA LEU B 553 -2.97 -1.39 9.10
C LEU B 553 -3.26 -2.15 7.76
N SER B 554 -4.20 -3.09 7.90
CA SER B 554 -4.40 -3.86 6.71
C SER B 554 -4.98 -3.13 5.62
N SER B 555 -5.73 -2.07 5.79
CA SER B 555 -6.14 -1.30 4.64
C SER B 555 -5.03 -0.60 4.01
N ARG B 556 -3.87 -0.33 4.66
CA ARG B 556 -2.77 0.35 3.93
C ARG B 556 -2.98 1.77 3.41
N VAL B 557 -4.05 2.42 3.88
CA VAL B 557 -4.30 3.77 3.42
C VAL B 557 -3.22 4.77 3.85
N THR B 558 -2.90 4.74 5.15
CA THR B 558 -1.97 5.75 5.68
C THR B 558 -0.63 5.00 6.02
N THR B 559 -0.48 3.67 6.09
CA THR B 559 0.88 3.18 6.10
C THR B 559 1.09 1.94 5.14
N THR B 560 2.30 1.75 4.58
CA THR B 560 2.67 0.62 3.78
C THR B 560 3.17 -0.55 4.57
N PHE B 561 3.00 -0.45 5.90
CA PHE B 561 3.68 -1.34 6.79
C PHE B 561 3.31 -2.81 6.72
N LYS B 562 2.02 -3.18 6.68
CA LYS B 562 1.75 -4.68 6.56
C LYS B 562 2.50 -5.14 5.17
N SER B 563 2.68 -4.30 4.10
CA SER B 563 3.27 -4.82 2.93
C SER B 563 4.69 -4.96 3.12
N ASN B 564 5.34 -4.06 3.84
CA ASN B 564 6.80 -4.09 3.80
C ASN B 564 7.04 -5.32 4.59
N LEU B 565 6.33 -5.49 5.72
CA LEU B 565 6.61 -6.60 6.66
C LEU B 565 6.22 -8.00 6.09
N THR B 566 5.14 -8.05 5.22
CA THR B 566 4.76 -9.30 4.51
C THR B 566 5.98 -9.79 3.78
N SER B 567 6.59 -8.89 2.99
CA SER B 567 7.77 -9.28 2.23
C SER B 567 8.96 -9.56 3.10
N LEU B 568 9.16 -8.82 4.19
CA LEU B 568 10.41 -9.21 4.89
C LEU B 568 10.24 -10.49 5.67
N ASN B 569 9.02 -10.82 6.06
CA ASN B 569 8.87 -11.98 6.91
C ASN B 569 7.38 -12.36 7.07
N PRO B 570 6.88 -13.11 6.01
CA PRO B 570 5.41 -13.40 5.89
C PRO B 570 4.87 -13.99 7.17
N THR B 571 5.67 -14.85 7.79
CA THR B 571 5.12 -15.55 8.98
C THR B 571 4.91 -14.64 10.10
N LEU B 572 5.84 -13.74 10.35
CA LEU B 572 5.58 -12.68 11.41
C LEU B 572 4.48 -11.68 10.97
N ALA B 573 4.50 -11.26 9.69
CA ALA B 573 3.39 -10.51 9.19
C ALA B 573 1.98 -11.07 9.49
N ASN B 574 1.89 -12.36 9.82
CA ASN B 574 0.55 -12.89 10.01
C ASN B 574 0.25 -12.99 11.40
N ALA B 575 1.23 -12.70 12.29
CA ALA B 575 0.84 -12.33 13.72
C ALA B 575 -0.19 -11.15 13.78
N ASP B 576 -0.86 -10.96 14.87
CA ASP B 576 -2.08 -10.17 14.72
C ASP B 576 -1.64 -8.70 14.96
N TRP B 577 -1.23 -7.97 13.94
CA TRP B 577 -0.55 -6.64 14.06
C TRP B 577 -1.63 -5.62 14.27
N ILE B 578 -1.45 -4.51 14.98
CA ILE B 578 -2.54 -3.42 14.86
C ILE B 578 -1.81 -2.08 14.96
N GLY B 579 -2.37 -1.01 14.41
CA GLY B 579 -1.66 0.21 14.67
C GLY B 579 -2.24 1.53 14.35
N LYS B 580 -1.45 2.61 14.42
CA LYS B 580 -1.96 3.91 14.07
C LYS B 580 -0.91 4.81 13.59
N THR B 581 -1.21 5.56 12.54
CA THR B 581 -0.13 6.49 12.14
C THR B 581 -0.47 7.99 12.60
N GLY B 582 0.50 8.92 12.49
CA GLY B 582 0.13 10.25 12.72
C GLY B 582 1.12 11.06 11.98
N THR B 583 0.66 12.16 11.43
CA THR B 583 1.44 13.23 10.74
C THR B 583 1.06 14.68 11.23
N THR B 584 2.02 15.52 11.56
CA THR B 584 1.63 16.88 12.07
C THR B 584 1.46 17.74 10.85
N ASN B 585 0.78 18.90 10.86
CA ASN B 585 0.51 19.53 9.44
C ASN B 585 1.80 20.10 9.06
N GLN B 586 2.00 20.46 7.84
CA GLN B 586 3.47 20.66 7.66
C GLN B 586 4.44 19.44 7.70
N ASP B 587 4.03 18.22 8.04
CA ASP B 587 4.85 17.05 7.82
C ASP B 587 6.13 17.04 8.67
N GLU B 588 6.10 17.58 9.89
CA GLU B 588 7.38 17.59 10.61
C GLU B 588 7.47 16.47 11.53
N ASN B 589 6.38 15.91 11.97
CA ASN B 589 6.57 14.67 12.68
C ASN B 589 5.75 13.55 12.14
N MET B 590 6.25 12.30 12.19
CA MET B 590 5.47 11.11 11.69
C MET B 590 5.59 10.10 12.70
N TRP B 591 4.46 9.45 12.94
CA TRP B 591 4.39 8.50 14.05
C TRP B 591 3.84 7.17 13.59
N LEU B 592 4.46 6.08 13.90
CA LEU B 592 3.71 4.84 13.64
C LEU B 592 3.68 4.10 14.93
N MET B 593 2.50 3.93 15.57
CA MET B 593 2.32 3.12 16.80
C MET B 593 1.87 1.67 16.39
N LEU B 594 2.59 0.61 16.85
CA LEU B 594 2.27 -0.79 16.49
C LEU B 594 2.07 -1.66 17.71
N SER B 595 1.09 -2.58 17.68
CA SER B 595 1.16 -3.62 18.64
C SER B 595 0.86 -5.04 18.18
N THR B 596 1.48 -6.01 18.83
CA THR B 596 0.75 -7.30 18.98
C THR B 596 0.16 -7.48 20.39
N PRO B 597 -0.59 -8.61 20.66
CA PRO B 597 -1.09 -8.83 22.06
C PRO B 597 0.01 -8.77 23.11
N ARG B 598 1.27 -9.05 22.75
CA ARG B 598 2.35 -9.09 23.72
C ARG B 598 3.12 -7.80 23.79
N LEU B 599 3.45 -7.18 22.64
CA LEU B 599 4.32 -6.00 22.60
C LEU B 599 3.70 -4.72 22.01
N THR B 600 4.17 -3.58 22.51
CA THR B 600 3.86 -2.41 21.80
C THR B 600 5.18 -1.90 21.24
N LEU B 601 5.21 -1.37 20.00
CA LEU B 601 6.46 -0.75 19.59
C LEU B 601 5.91 0.61 19.21
N GLY B 602 6.53 1.74 19.69
CA GLY B 602 6.09 3.13 19.30
C GLY B 602 7.20 3.68 18.47
N GLY B 603 6.91 4.51 17.47
CA GLY B 603 8.05 5.03 16.60
C GLY B 603 7.88 6.47 16.08
N TRP B 604 8.92 7.36 16.14
CA TRP B 604 8.74 8.68 15.61
C TRP B 604 9.83 8.98 14.69
N ILE B 605 9.51 9.84 13.76
CA ILE B 605 10.59 10.45 13.01
C ILE B 605 10.40 11.89 12.80
N GLY B 606 11.53 12.62 12.64
CA GLY B 606 11.61 14.10 12.45
C GLY B 606 13.02 14.72 12.44
N HIS B 607 13.11 16.04 12.43
CA HIS B 607 14.36 16.74 12.45
C HIS B 607 14.47 17.40 13.76
N ASP B 608 15.67 17.49 14.27
CA ASP B 608 15.84 18.19 15.59
C ASP B 608 15.48 19.66 15.52
N ASP B 609 15.65 20.35 14.39
CA ASP B 609 15.14 21.78 14.35
C ASP B 609 13.71 21.96 13.96
N ASN B 610 12.96 20.89 13.87
CA ASN B 610 11.57 20.92 13.50
C ASN B 610 11.23 21.23 12.07
N HIS B 611 12.18 21.41 11.19
CA HIS B 611 11.66 21.53 9.83
C HIS B 611 10.98 20.21 9.29
N SER B 612 10.51 20.37 8.08
CA SER B 612 9.70 19.44 7.31
C SER B 612 10.34 18.18 6.73
N LEU B 613 9.65 17.08 6.87
CA LEU B 613 10.01 15.84 6.20
C LEU B 613 9.33 15.93 4.86
N SER B 614 9.66 14.98 4.01
CA SER B 614 9.02 14.88 2.71
C SER B 614 7.62 14.46 2.92
N GLN B 615 6.81 14.70 1.92
CA GLN B 615 5.40 14.26 2.01
C GLN B 615 5.05 12.71 2.40
N GLN B 616 5.75 11.78 1.76
CA GLN B 616 5.69 10.32 2.02
C GLN B 616 6.56 9.83 3.23
N ALA B 617 7.21 10.64 4.06
CA ALA B 617 8.01 9.99 5.08
C ALA B 617 7.31 9.08 6.16
N GLY B 618 6.04 9.38 6.60
CA GLY B 618 5.17 8.49 7.50
C GLY B 618 4.83 7.26 6.62
N TYR B 619 4.13 7.55 5.53
CA TYR B 619 3.52 6.59 4.63
C TYR B 619 4.44 5.41 4.20
N SER B 620 5.55 5.74 3.57
CA SER B 620 6.56 4.80 3.12
C SER B 620 7.86 4.74 3.94
N ASN B 621 8.64 5.82 4.21
CA ASN B 621 10.01 5.57 4.90
C ASN B 621 9.97 4.94 6.27
N ASN B 622 9.22 5.59 7.08
CA ASN B 622 9.09 5.08 8.38
C ASN B 622 8.38 3.76 8.40
N SER B 623 7.38 3.53 7.52
CA SER B 623 6.79 2.17 7.62
C SER B 623 7.80 1.10 7.23
N ASN B 624 8.60 1.38 6.20
CA ASN B 624 9.54 0.40 5.75
C ASN B 624 10.66 0.32 6.79
N TYR B 625 11.26 1.45 7.31
CA TYR B 625 12.20 1.29 8.41
C TYR B 625 11.57 0.48 9.56
N MET B 626 10.34 0.81 9.98
CA MET B 626 9.84 0.08 11.08
C MET B 626 9.65 -1.45 10.76
N ALA B 627 9.36 -1.81 9.47
CA ALA B 627 9.17 -3.22 9.22
C ALA B 627 10.54 -3.91 9.51
N HIS B 628 11.67 -3.19 9.29
CA HIS B 628 12.99 -3.73 9.45
C HIS B 628 13.23 -3.82 10.93
N LEU B 629 12.80 -2.84 11.71
CA LEU B 629 13.14 -2.94 13.11
C LEU B 629 12.36 -4.20 13.67
N VAL B 630 11.04 -4.25 13.42
CA VAL B 630 10.27 -5.33 13.97
C VAL B 630 10.87 -6.69 13.54
N ASN B 631 11.38 -6.79 12.32
CA ASN B 631 12.02 -8.02 11.90
C ASN B 631 13.32 -8.32 12.71
N ALA B 632 14.22 -7.34 12.86
CA ALA B 632 15.38 -7.54 13.70
C ALA B 632 14.99 -8.03 15.05
N ILE B 633 13.87 -7.50 15.64
CA ILE B 633 13.53 -7.88 17.04
C ILE B 633 13.14 -9.44 17.08
N GLN B 634 12.26 -9.81 16.14
CA GLN B 634 11.93 -11.16 15.89
C GLN B 634 13.13 -12.06 15.65
N GLN B 635 13.93 -11.78 14.62
CA GLN B 635 15.09 -12.59 14.39
C GLN B 635 15.95 -12.66 15.59
N ALA B 636 15.83 -11.80 16.61
CA ALA B 636 16.80 -11.95 17.76
C ALA B 636 16.06 -12.57 18.82
N SER B 637 14.73 -12.47 18.82
CA SER B 637 14.00 -13.25 19.86
C SER B 637 12.72 -13.87 19.28
N PRO B 638 12.83 -15.13 18.85
CA PRO B 638 11.73 -15.45 17.90
C PRO B 638 10.35 -15.65 18.47
N SER B 639 10.18 -15.79 19.77
CA SER B 639 8.81 -15.92 20.36
C SER B 639 8.29 -14.62 20.94
N ILE B 640 9.13 -13.51 20.87
CA ILE B 640 8.79 -12.31 21.67
C ILE B 640 7.48 -11.67 21.34
N TRP B 641 7.09 -11.69 20.08
CA TRP B 641 5.97 -10.92 19.56
C TRP B 641 4.76 -11.76 19.75
N GLY B 642 4.95 -13.06 19.91
CA GLY B 642 3.76 -13.88 20.21
C GLY B 642 2.92 -14.34 19.01
N ASN B 643 2.22 -15.47 19.15
CA ASN B 643 1.23 -15.77 18.10
C ASN B 643 -0.21 -15.67 18.49
N GLU B 644 -0.56 -15.08 19.62
CA GLU B 644 -1.98 -14.87 20.03
C GLU B 644 -2.76 -13.86 19.17
N ARG B 645 -4.07 -13.90 19.37
CA ARG B 645 -4.98 -13.03 18.65
C ARG B 645 -5.69 -12.05 19.61
N PHE B 646 -6.02 -10.85 19.16
CA PHE B 646 -6.91 -9.98 19.89
C PHE B 646 -8.27 -10.52 19.63
N ALA B 647 -9.08 -10.51 20.64
CA ALA B 647 -10.48 -11.08 20.53
C ALA B 647 -11.45 -10.08 21.11
N LEU B 648 -12.65 -9.90 20.54
CA LEU B 648 -13.64 -9.15 21.28
C LEU B 648 -13.79 -9.79 22.62
N ASP B 649 -13.75 -9.07 23.70
CA ASP B 649 -14.14 -9.62 24.94
C ASP B 649 -15.64 -10.14 24.98
N PRO B 650 -15.92 -11.26 25.71
CA PRO B 650 -17.36 -11.73 25.71
C PRO B 650 -18.40 -10.58 26.14
N SER B 651 -17.96 -9.67 27.01
CA SER B 651 -18.81 -8.56 27.45
C SER B 651 -19.17 -7.54 26.39
N VAL B 652 -18.64 -7.63 25.17
CA VAL B 652 -19.02 -6.68 24.12
C VAL B 652 -20.44 -7.06 23.84
N VAL B 653 -21.23 -6.09 23.44
CA VAL B 653 -22.55 -6.30 22.93
C VAL B 653 -22.64 -6.11 21.41
N LYS B 654 -23.21 -7.06 20.72
CA LYS B 654 -23.27 -6.94 19.28
C LYS B 654 -24.70 -6.58 18.89
N SER B 655 -24.87 -5.58 18.03
CA SER B 655 -26.20 -5.07 17.72
C SER B 655 -26.44 -5.05 16.28
N GLU B 656 -27.68 -5.26 15.85
CA GLU B 656 -27.99 -5.24 14.37
C GLU B 656 -28.27 -3.82 13.85
N VAL B 657 -27.59 -3.35 12.82
CA VAL B 657 -27.84 -1.99 12.36
C VAL B 657 -27.68 -1.82 10.88
N LEU B 658 -27.96 -0.59 10.38
CA LEU B 658 -27.94 -0.34 8.93
C LEU B 658 -26.65 0.27 8.36
N LYS B 659 -25.92 -0.50 7.57
CA LYS B 659 -24.72 0.01 6.87
C LYS B 659 -24.76 1.56 6.89
N SER B 660 -25.85 2.08 6.33
CA SER B 660 -26.11 3.50 5.98
C SER B 660 -26.29 4.54 7.17
N THR B 661 -26.69 4.07 8.36
CA THR B 661 -26.92 5.03 9.43
C THR B 661 -26.24 4.65 10.71
N GLY B 662 -25.91 3.38 10.84
CA GLY B 662 -25.20 2.90 11.99
C GLY B 662 -26.16 2.73 13.14
N GLN B 663 -27.39 3.16 12.94
CA GLN B 663 -28.42 2.90 13.90
C GLN B 663 -29.33 1.75 13.47
N LYS B 664 -30.19 1.32 14.40
CA LYS B 664 -31.03 0.11 14.22
C LYS B 664 -32.14 0.44 13.20
N PRO B 665 -32.71 -0.60 12.47
CA PRO B 665 -33.75 -0.32 11.43
C PRO B 665 -35.10 0.13 12.11
N GLY B 666 -35.74 1.18 11.56
CA GLY B 666 -36.86 1.80 12.25
C GLY B 666 -37.55 2.99 11.58
N LYS B 667 -38.52 3.51 12.34
CA LYS B 667 -39.42 4.60 11.94
C LYS B 667 -38.70 6.00 12.05
N VAL B 668 -38.69 6.86 11.00
CA VAL B 668 -38.15 8.28 11.14
C VAL B 668 -39.05 9.49 10.72
N SER B 669 -39.30 10.44 11.64
CA SER B 669 -39.86 11.74 11.22
C SER B 669 -38.81 12.46 10.33
N VAL B 670 -38.87 12.22 9.00
CA VAL B 670 -38.01 12.91 7.95
C VAL B 670 -38.46 14.36 7.67
N GLU B 671 -37.97 15.31 8.53
CA GLU B 671 -38.60 16.69 8.80
C GLU B 671 -40.16 16.84 8.43
N GLY B 672 -41.05 16.29 9.31
CA GLY B 672 -42.47 16.02 8.98
C GLY B 672 -42.65 15.02 7.81
N LYS B 673 -43.40 13.96 8.10
CA LYS B 673 -43.59 12.77 7.25
C LYS B 673 -43.16 11.50 8.05
N GLU B 674 -42.81 10.45 7.32
CA GLU B 674 -42.42 9.21 7.97
C GLU B 674 -41.75 8.29 6.91
N VAL B 675 -40.59 7.67 7.24
CA VAL B 675 -40.12 6.46 6.55
C VAL B 675 -39.70 5.29 7.50
N GLU B 676 -40.19 4.10 7.14
CA GLU B 676 -39.53 2.82 7.51
C GLU B 676 -38.23 2.86 6.69
N VAL B 677 -37.10 2.55 7.35
CA VAL B 677 -35.77 2.68 6.72
C VAL B 677 -35.10 1.35 6.65
N THR B 678 -34.62 0.94 5.51
CA THR B 678 -33.93 -0.36 5.40
C THR B 678 -32.93 -0.33 4.24
N GLY B 679 -32.21 -1.44 4.05
CA GLY B 679 -31.10 -1.50 3.10
C GLY B 679 -30.40 -2.63 3.78
N SER B 680 -29.30 -3.09 3.17
CA SER B 680 -28.63 -4.19 3.86
C SER B 680 -27.95 -3.76 5.22
N THR B 681 -27.66 -4.74 6.08
CA THR B 681 -27.31 -4.35 7.42
C THR B 681 -25.99 -5.01 7.89
N VAL B 682 -25.47 -4.62 9.10
CA VAL B 682 -24.00 -4.87 9.55
C VAL B 682 -23.91 -5.05 11.05
N THR B 683 -23.12 -6.01 11.54
CA THR B 683 -22.85 -6.07 13.01
C THR B 683 -22.13 -4.71 13.52
N SER B 684 -22.46 -4.28 14.73
CA SER B 684 -21.77 -3.15 15.33
C SER B 684 -21.62 -3.44 16.83
N TYR B 685 -20.34 -3.39 17.24
CA TYR B 685 -19.94 -3.76 18.60
C TYR B 685 -20.01 -2.54 19.41
N TRP B 686 -20.66 -2.64 20.56
CA TRP B 686 -20.82 -1.53 21.49
C TRP B 686 -20.20 -1.87 22.84
N ALA B 687 -19.92 -0.82 23.63
CA ALA B 687 -19.33 -1.09 24.97
C ALA B 687 -20.28 -0.84 26.05
N ASN B 688 -21.54 -0.56 25.73
CA ASN B 688 -22.55 -0.29 26.77
C ASN B 688 -23.33 -1.57 27.24
N LYS B 689 -24.24 -1.36 28.19
CA LYS B 689 -25.53 -2.07 28.42
C LYS B 689 -26.22 -2.74 27.19
N SER B 690 -26.62 -1.98 26.15
CA SER B 690 -27.82 -2.26 25.33
C SER B 690 -27.69 -2.12 23.82
N GLY B 691 -26.75 -1.33 23.36
CA GLY B 691 -26.39 -1.52 21.96
C GLY B 691 -26.53 -0.30 21.12
N ALA B 692 -26.68 -0.53 19.83
CA ALA B 692 -27.17 0.59 19.03
C ALA B 692 -28.53 1.09 19.71
N PRO B 693 -28.87 2.38 19.55
CA PRO B 693 -30.26 2.60 19.82
C PRO B 693 -30.93 2.66 18.40
N ALA B 694 -32.22 3.03 18.31
CA ALA B 694 -33.01 2.73 17.09
C ALA B 694 -32.59 3.81 16.12
N THR B 695 -32.73 3.71 14.78
CA THR B 695 -32.26 4.91 13.99
C THR B 695 -32.79 6.22 14.55
N SER B 696 -32.45 7.35 13.94
CA SER B 696 -33.08 8.61 14.35
C SER B 696 -32.64 9.74 13.40
N TYR B 697 -33.07 10.96 13.70
CA TYR B 697 -32.93 12.02 12.66
C TYR B 697 -31.43 12.39 12.48
N ARG B 698 -30.81 12.71 13.62
CA ARG B 698 -29.38 12.92 13.67
C ARG B 698 -28.72 11.63 14.15
N PHE B 699 -28.50 10.73 13.20
CA PHE B 699 -27.97 9.38 13.51
C PHE B 699 -26.43 9.56 13.69
N ALA B 700 -25.92 10.53 12.91
CA ALA B 700 -24.51 10.70 12.77
C ALA B 700 -24.00 11.30 14.03
N ILE B 701 -22.68 11.22 14.20
CA ILE B 701 -21.91 11.96 15.22
C ILE B 701 -21.49 13.18 14.48
N GLY B 702 -21.92 14.33 15.00
CA GLY B 702 -21.67 15.63 14.43
C GLY B 702 -22.46 15.88 13.19
N GLY B 703 -22.21 16.95 12.44
CA GLY B 703 -23.12 17.34 11.30
C GLY B 703 -24.10 18.56 11.38
N SER B 704 -24.03 19.47 10.40
CA SER B 704 -24.91 20.63 10.31
C SER B 704 -26.37 20.35 9.82
N ASP B 705 -27.26 21.36 9.97
CA ASP B 705 -28.68 21.15 9.61
C ASP B 705 -28.81 20.85 8.10
N ALA B 706 -28.07 21.63 7.33
CA ALA B 706 -27.86 21.47 5.86
C ALA B 706 -27.42 20.10 5.33
N ASP B 707 -26.52 19.46 6.12
CA ASP B 707 -25.79 18.24 5.81
C ASP B 707 -26.83 17.10 6.00
N TYR B 708 -27.60 17.18 7.10
CA TYR B 708 -28.48 16.07 7.47
C TYR B 708 -29.69 15.96 6.49
N GLN B 709 -29.97 17.03 5.73
CA GLN B 709 -30.97 16.94 4.66
C GLN B 709 -30.32 16.61 3.25
N ASN B 710 -29.16 17.19 2.98
CA ASN B 710 -28.33 16.62 1.96
C ASN B 710 -28.17 15.10 2.22
N ALA B 711 -28.07 14.70 3.48
CA ALA B 711 -27.80 13.31 3.70
C ALA B 711 -29.04 12.43 3.66
N TRP B 712 -30.25 12.97 3.69
CA TRP B 712 -31.31 11.99 3.35
C TRP B 712 -31.87 11.84 1.94
N SER B 713 -31.81 12.88 1.12
CA SER B 713 -32.17 12.71 -0.32
C SER B 713 -30.99 12.13 -1.14
N SER B 714 -30.51 10.99 -0.61
CA SER B 714 -29.51 10.14 -1.25
C SER B 714 -29.75 8.80 -0.60
N ILE B 715 -29.58 8.84 0.75
CA ILE B 715 -29.72 7.71 1.75
C ILE B 715 -31.22 7.52 1.96
N VAL B 716 -31.85 7.25 0.80
CA VAL B 716 -33.30 7.18 0.40
C VAL B 716 -33.58 6.90 -1.21
N GLY B 717 -32.81 6.13 -2.02
CA GLY B 717 -31.77 5.15 -1.66
C GLY B 717 -32.01 3.85 -2.41
O17 L4C C . -11.49 -3.57 -7.04
C9 L4C C . -10.21 -3.39 -6.97
O16 L4C C . -9.72 -2.85 -6.02
C10 L4C C . -9.11 -3.71 -8.00
C11 L4C C . -9.80 -3.93 -9.33
C8 L4C C . -9.01 -3.61 -10.56
C12 L4C C . -7.59 -3.94 -10.79
O19 L4C C . -7.17 -4.92 -10.21
O18 L4C C . -6.84 -3.36 -11.60
N1 L4C C . -9.60 -3.12 -11.61
O13 L4C C . -10.91 -2.73 -11.80
C5 L4C C . -11.59 -2.82 -13.09
C3 L4C C . -11.49 -4.18 -13.76
N2 L4C C . -11.99 -5.23 -12.86
C6 L4C C . -13.22 -5.29 -12.30
C7 L4C C . -13.72 -6.59 -11.68
O15 L4C C . -13.96 -4.31 -12.33
C4 L4C C . -10.02 -4.26 -14.19
O14 L4C C . -9.23 -5.16 -13.88
S SO4 D . 0.45 -16.73 -28.67
O1 SO4 D . 0.39 -17.84 -29.65
O2 SO4 D . 1.34 -17.06 -27.52
O3 SO4 D . 1.16 -15.57 -29.30
O4 SO4 D . -0.88 -16.35 -28.03
CL CL E . 1.58 -1.07 0.24
CL CL F . 7.80 4.98 -4.70
O17 L4C G . -2.36 12.75 4.20
C9 L4C G . -2.18 11.60 4.71
O16 L4C G . -1.39 10.69 4.32
C10 L4C G . -2.90 11.26 5.97
C11 L4C G . -2.11 11.95 7.08
C8 L4C G . -2.55 11.35 8.40
C12 L4C G . -1.89 10.19 9.04
O19 L4C G . -0.68 10.04 8.88
O18 L4C G . -2.49 9.45 9.86
N1 L4C G . -3.52 11.90 9.08
O13 L4C G . -4.27 13.03 8.80
C5 L4C G . -4.73 13.72 9.99
C3 L4C G . -3.61 14.24 10.90
N2 L4C G . -2.58 15.02 10.20
C6 L4C G . -2.89 16.00 9.35
C7 L4C G . -1.79 17.00 8.94
O15 L4C G . -4.02 16.11 8.92
C4 L4C G . -3.14 13.04 11.71
O14 L4C G . -1.96 12.64 11.88
S SO4 H . 7.83 11.20 30.29
O1 SO4 H . 8.67 10.53 29.20
O2 SO4 H . 8.65 11.97 31.23
O3 SO4 H . 6.81 12.06 29.68
O4 SO4 H . 7.16 10.19 31.13
CL CL I . -2.92 -8.26 5.33
CL CL J . 12.48 3.32 35.64
#